data_2YK0
#
_entry.id   2YK0
#
_cell.length_a   157.907
_cell.length_b   144.362
_cell.length_c   75.836
_cell.angle_alpha   90.00
_cell.angle_beta   102.89
_cell.angle_gamma   90.00
#
_symmetry.space_group_name_H-M   'C 1 2 1'
#
loop_
_entity.id
_entity.type
_entity.pdbx_description
1 polymer 'ERYTHROCYTE MEMBRANE PROTEIN 1'
2 non-polymer 'MAGNESIUM ION'
3 non-polymer 'SULFATE ION'
4 water water
#
_entity_poly.entity_id   1
_entity_poly.type   'polypeptide(L)'
_entity_poly.pdbx_seq_one_letter_code
;ISEFGSSHSTNDAKSPTLSESHKSARNVLENIGIKIYNQEIKKKNPYEQQLKGTLSRAQFVDALSSRYGYVRNSDGNSCN
LDHLFHTNIKTGYNEGRKPCYGREQNRFDENAEAYCNSDKIRGNENNANGAACAPPRRRHICDQNLEFLDNKNTNTAHDL
LGNVLVTAKYEGNYIVNDHPDKNSNGNKAGICTSLARSFADIGDIVRGRDMFLPNKDDKVQKGLQVVFKKIYKSLTPEAR
KHYAHGDGSGNYAKLREDWWTINREQIWKALTCSAPYYADYFRKGSDGTLHFSSHGKCGHNEGAPPTYLDYVPQFLRWFE
EWSEEFCRIKKIKIDKVKKECRDEQNKKYCSGDGHDCTQTNLAHNQIFVDLDCPRCQDQCIKYNEWIVKKLEEFYKQNLK
YSMEIQKWKKTKNNYYDKEFYENLDKKSYSTIDKFLNLLNNGKHCHDNKDEKNKIDFNKPIKTFSISEYCKTCPLYGVTC
TNRGICIHNSNNKNKGENDLNKINIKDKSPTTFDVDMIYLRRQYMKNELKSFVESTCLFKGMRNQEWTCQILKNLDVCKL
NNFNKVIDIDKHITFKVLLERWLKDFLEGYKKSKRKINPCTKDKNSCIKLCINKCTCVEEWLNKKEKEWGQIKKHFNKQF
HGEGYDIAFKVKSYFEDNEADVRKSIDNFHVLKNKEEYEICNVDDNCRSQNNKKKKDIVTILLKELKDKIVSCKNQHKAT
KGKECCDKLPKIADGDTSDDEEQEDEAPAPPKPKPPSTPNPCVRKDQSGTHIVSVEDVAEWMQGVTHDRV
;
_entity_poly.pdbx_strand_id   A
#
loop_
_chem_comp.id
_chem_comp.type
_chem_comp.name
_chem_comp.formula
MG non-polymer 'MAGNESIUM ION' 'Mg 2'
SO4 non-polymer 'SULFATE ION' 'O4 S -2'
#
# COMPACT_ATOMS: atom_id res chain seq x y z
N HIS A 22 22.91 12.02 -10.72
CA HIS A 22 22.36 10.85 -10.03
C HIS A 22 22.70 10.82 -8.50
N LYS A 23 21.82 11.48 -7.70
CA LYS A 23 21.96 11.57 -6.25
C LYS A 23 20.68 11.10 -5.57
N SER A 24 20.77 10.82 -4.25
CA SER A 24 19.65 10.36 -3.42
C SER A 24 18.66 11.49 -3.12
N ALA A 25 17.36 11.19 -3.00
CA ALA A 25 16.34 12.21 -2.69
C ALA A 25 16.51 12.79 -1.31
N ARG A 26 17.04 12.01 -0.35
CA ARG A 26 17.26 12.48 1.01
C ARG A 26 18.40 13.50 1.05
N ASN A 27 19.56 13.17 0.43
CA ASN A 27 20.72 14.06 0.32
C ASN A 27 20.33 15.42 -0.26
N VAL A 28 19.50 15.44 -1.32
CA VAL A 28 19.06 16.69 -1.94
C VAL A 28 18.11 17.46 -1.04
N LEU A 29 17.03 16.81 -0.52
CA LEU A 29 16.04 17.46 0.35
C LEU A 29 16.70 18.06 1.59
N GLU A 30 17.79 17.43 2.08
CA GLU A 30 18.59 17.92 3.22
C GLU A 30 19.34 19.19 2.81
N ASN A 31 20.04 19.16 1.65
CA ASN A 31 20.78 20.30 1.13
C ASN A 31 19.92 21.53 0.96
N ILE A 32 18.67 21.35 0.50
CA ILE A 32 17.71 22.45 0.38
C ILE A 32 17.26 22.91 1.79
N GLY A 33 17.16 21.96 2.72
CA GLY A 33 16.76 22.20 4.09
C GLY A 33 17.68 23.11 4.88
N ILE A 34 19.01 22.98 4.67
CA ILE A 34 20.03 23.81 5.35
C ILE A 34 19.91 25.24 4.89
N LYS A 35 19.78 25.44 3.56
CA LYS A 35 19.59 26.73 2.92
C LYS A 35 18.38 27.46 3.53
N ILE A 36 17.41 26.69 4.09
CA ILE A 36 16.22 27.22 4.77
C ILE A 36 16.57 27.42 6.23
N TYR A 37 17.32 26.47 6.83
CA TYR A 37 17.70 26.55 8.23
C TYR A 37 18.67 27.70 8.53
N ASN A 38 19.74 27.82 7.72
CA ASN A 38 20.74 28.86 7.89
C ASN A 38 20.17 30.26 7.62
N GLN A 39 19.01 30.31 6.93
CA GLN A 39 18.24 31.50 6.61
C GLN A 39 17.47 31.94 7.86
N GLU A 40 17.07 30.97 8.70
CA GLU A 40 16.34 31.19 9.96
C GLU A 40 17.28 31.66 11.08
N ILE A 41 18.53 31.12 11.08
CA ILE A 41 19.58 31.42 12.04
C ILE A 41 20.56 32.52 11.60
N LYS A 42 20.36 33.07 10.36
CA LYS A 42 21.13 34.21 9.85
C LYS A 42 20.77 35.37 10.79
N LYS A 43 19.45 35.56 10.99
CA LYS A 43 18.86 36.54 11.91
C LYS A 43 18.98 35.97 13.34
N LYS A 44 19.55 36.78 14.25
CA LYS A 44 19.68 36.46 15.67
C LYS A 44 18.36 36.93 16.32
N ASN A 45 17.54 35.98 16.81
CA ASN A 45 16.26 36.32 17.43
C ASN A 45 16.53 37.19 18.65
N PRO A 46 15.84 38.36 18.75
CA PRO A 46 16.05 39.22 19.94
C PRO A 46 15.29 38.68 21.14
N TYR A 47 14.20 37.91 20.87
CA TYR A 47 13.36 37.37 21.93
C TYR A 47 13.61 35.90 22.28
N GLU A 48 14.72 35.34 21.76
CA GLU A 48 15.13 33.94 21.98
C GLU A 48 14.95 33.44 23.41
N GLN A 49 15.45 34.17 24.41
CA GLN A 49 15.33 33.70 25.79
C GLN A 49 13.92 33.53 26.33
N GLN A 50 12.94 34.22 25.74
CA GLN A 50 11.55 34.10 26.12
C GLN A 50 10.93 32.78 25.57
N LEU A 51 11.51 32.23 24.47
CA LEU A 51 11.04 30.99 23.84
C LEU A 51 11.84 29.74 24.21
N LYS A 52 13.12 29.90 24.59
CA LYS A 52 13.96 28.77 25.01
C LYS A 52 13.42 28.18 26.32
N GLY A 53 13.10 26.88 26.27
CA GLY A 53 12.61 26.11 27.41
C GLY A 53 13.73 25.51 28.26
N THR A 54 13.53 25.55 29.59
CA THR A 54 14.41 25.03 30.64
C THR A 54 13.71 23.79 31.19
N LEU A 55 14.21 22.58 30.82
CA LEU A 55 13.61 21.29 31.20
C LEU A 55 13.23 21.19 32.68
N SER A 56 14.20 21.49 33.56
CA SER A 56 14.05 21.49 35.02
C SER A 56 12.81 22.29 35.51
N ARG A 57 12.50 23.42 34.84
CA ARG A 57 11.39 24.33 35.16
C ARG A 57 9.97 23.82 34.82
N ALA A 58 9.84 22.69 34.07
CA ALA A 58 8.56 22.10 33.65
C ALA A 58 7.68 21.55 34.77
N GLN A 59 6.36 21.83 34.70
CA GLN A 59 5.35 21.38 35.69
C GLN A 59 4.37 20.36 35.08
N PHE A 60 4.25 19.15 35.71
CA PHE A 60 3.34 18.10 35.25
C PHE A 60 2.50 17.60 36.38
N VAL A 61 1.22 17.24 36.10
CA VAL A 61 0.27 16.68 37.06
C VAL A 61 -0.60 15.56 36.38
N ASP A 62 -0.36 14.29 36.74
CA ASP A 62 -1.17 13.17 36.23
C ASP A 62 -2.39 12.96 37.15
N ALA A 63 -3.14 11.84 36.99
CA ALA A 63 -4.33 11.55 37.80
C ALA A 63 -3.99 11.28 39.26
N LEU A 64 -2.98 10.43 39.50
CA LEU A 64 -2.46 10.08 40.83
C LEU A 64 -1.83 11.32 41.46
N SER A 65 -1.05 12.07 40.68
CA SER A 65 -0.39 13.27 41.20
C SER A 65 -1.43 14.25 41.73
N SER A 66 -2.54 14.39 40.99
CA SER A 66 -3.66 15.23 41.40
C SER A 66 -4.33 14.63 42.65
N ARG A 67 -4.55 13.27 42.65
CA ARG A 67 -5.18 12.53 43.75
C ARG A 67 -4.41 12.83 45.04
N TYR A 68 -3.06 12.64 44.98
CA TYR A 68 -2.11 12.77 46.09
C TYR A 68 -1.67 14.19 46.42
N GLY A 69 -2.01 15.13 45.54
CA GLY A 69 -1.73 16.55 45.75
C GLY A 69 -0.31 17.01 45.45
N TYR A 70 0.24 16.56 44.34
CA TYR A 70 1.59 16.96 43.98
C TYR A 70 1.69 17.66 42.59
N VAL A 71 2.90 18.11 42.27
CA VAL A 71 3.36 18.73 41.02
C VAL A 71 4.76 18.15 40.84
N ARG A 72 4.91 17.28 39.83
CA ARG A 72 6.18 16.62 39.54
C ARG A 72 7.02 17.46 38.62
N ASN A 73 8.32 17.46 38.87
CA ASN A 73 9.27 18.22 38.07
C ASN A 73 10.27 17.24 37.55
N SER A 74 10.98 17.62 36.51
CA SER A 74 12.07 16.80 36.01
C SER A 74 13.35 17.30 36.66
N ASP A 75 14.43 16.59 36.41
CA ASP A 75 15.78 16.97 36.81
C ASP A 75 16.33 17.54 35.51
N GLY A 76 17.65 17.69 35.43
CA GLY A 76 18.30 18.18 34.22
C GLY A 76 18.14 17.24 33.03
N ASN A 77 18.36 15.92 33.28
CA ASN A 77 18.29 14.92 32.22
C ASN A 77 16.92 14.51 31.69
N SER A 78 16.83 14.62 30.34
CA SER A 78 15.75 14.21 29.46
C SER A 78 15.78 12.66 29.39
N CYS A 79 16.99 12.12 29.58
CA CYS A 79 17.24 10.70 29.56
C CYS A 79 16.75 9.99 30.82
N ASN A 80 16.40 10.76 31.87
CA ASN A 80 15.82 10.24 33.11
C ASN A 80 14.33 10.63 33.19
N LEU A 81 13.70 10.88 32.05
CA LEU A 81 12.28 11.24 32.06
C LEU A 81 11.37 9.99 32.17
N ASP A 82 10.42 9.99 33.11
CA ASP A 82 9.49 8.87 33.27
C ASP A 82 8.04 9.26 33.15
N HIS A 83 7.34 8.56 32.25
CA HIS A 83 5.94 8.73 31.91
C HIS A 83 4.98 8.59 33.10
N LEU A 84 5.43 7.91 34.16
CA LEU A 84 4.59 7.72 35.34
C LEU A 84 4.54 8.99 36.17
N PHE A 85 5.41 9.97 35.83
CA PHE A 85 5.50 11.23 36.53
C PHE A 85 5.71 12.50 35.64
N HIS A 86 5.94 12.33 34.36
CA HIS A 86 6.18 13.50 33.51
C HIS A 86 5.14 13.58 32.40
N THR A 87 3.91 13.55 32.87
CA THR A 87 2.72 13.49 32.07
C THR A 87 1.61 14.26 32.78
N ASN A 88 0.60 14.64 31.99
CA ASN A 88 -0.60 15.35 32.42
C ASN A 88 -1.83 14.46 32.21
N ILE A 89 -1.60 13.18 31.82
CA ILE A 89 -2.65 12.20 31.50
C ILE A 89 -3.55 11.97 32.67
N LYS A 90 -4.78 12.47 32.54
CA LYS A 90 -5.80 12.38 33.59
C LYS A 90 -7.02 11.60 33.11
N THR A 91 -6.88 10.89 31.96
CA THR A 91 -7.94 10.06 31.39
C THR A 91 -8.11 8.70 32.09
N GLY A 92 -9.27 8.09 31.87
CA GLY A 92 -9.60 6.77 32.40
C GLY A 92 -8.87 5.67 31.67
N TYR A 93 -8.96 5.65 30.31
CA TYR A 93 -8.35 4.63 29.44
C TYR A 93 -6.85 4.35 29.66
N ASN A 94 -6.00 5.39 29.69
CA ASN A 94 -4.57 5.24 29.91
C ASN A 94 -4.24 5.54 31.38
N GLU A 95 -4.20 4.47 32.18
CA GLU A 95 -3.87 4.57 33.59
C GLU A 95 -2.38 4.41 33.74
N GLY A 96 -1.73 3.80 32.75
CA GLY A 96 -0.29 3.59 32.77
C GLY A 96 0.47 4.85 32.41
N ARG A 97 -0.27 5.86 31.83
CA ARG A 97 0.19 7.17 31.41
C ARG A 97 1.30 7.04 30.36
N LYS A 98 1.08 6.16 29.35
CA LYS A 98 2.03 5.87 28.28
C LYS A 98 1.91 6.85 27.10
N PRO A 99 3.06 7.37 26.63
CA PRO A 99 3.05 8.24 25.44
C PRO A 99 2.57 7.48 24.17
N CYS A 100 2.81 6.15 24.13
CA CYS A 100 2.39 5.32 23.01
C CYS A 100 1.26 4.46 23.47
N TYR A 101 0.06 4.80 23.06
CA TYR A 101 -1.14 4.13 23.46
C TYR A 101 -2.15 4.12 22.28
N GLY A 102 -2.09 3.07 21.47
CA GLY A 102 -2.93 2.84 20.31
C GLY A 102 -2.52 1.59 19.55
N ARG A 103 -2.57 1.62 18.19
CA ARG A 103 -2.13 0.49 17.36
C ARG A 103 -0.61 0.61 17.05
N GLU A 104 0.10 1.41 17.88
CA GLU A 104 1.53 1.71 17.83
C GLU A 104 2.40 0.51 18.22
N GLN A 105 2.13 -0.69 17.63
CA GLN A 105 2.86 -1.93 17.92
C GLN A 105 4.00 -2.24 16.94
N ASN A 106 3.71 -2.53 15.65
CA ASN A 106 4.76 -2.68 14.64
C ASN A 106 4.53 -1.90 13.36
N ARG A 107 5.23 -0.75 13.30
CA ARG A 107 5.19 0.21 12.22
C ARG A 107 6.09 -0.22 11.07
N PHE A 108 7.18 -0.95 11.36
CA PHE A 108 8.05 -1.43 10.30
C PHE A 108 7.62 -2.77 9.69
N ASP A 109 6.40 -3.21 10.04
CA ASP A 109 5.82 -4.44 9.54
C ASP A 109 5.60 -4.34 8.06
N GLU A 110 5.83 -5.44 7.34
CA GLU A 110 5.68 -5.52 5.90
C GLU A 110 4.24 -5.24 5.53
N ASN A 111 3.32 -5.61 6.44
CA ASN A 111 1.88 -5.47 6.26
C ASN A 111 1.30 -4.22 6.87
N ALA A 112 2.15 -3.35 7.44
CA ALA A 112 1.73 -2.07 8.00
C ALA A 112 1.39 -1.18 6.81
N GLU A 113 0.23 -0.50 6.89
CA GLU A 113 -0.30 0.33 5.81
C GLU A 113 -0.17 1.83 5.99
N ALA A 114 0.03 2.56 4.88
CA ALA A 114 0.06 4.02 4.86
C ALA A 114 -1.38 4.50 4.68
N TYR A 115 -1.65 5.80 4.90
CA TYR A 115 -3.00 6.36 4.71
C TYR A 115 -2.94 7.44 3.62
N CYS A 116 -3.85 7.37 2.63
CA CYS A 116 -3.86 8.31 1.50
C CYS A 116 -5.22 8.88 1.20
N ASN A 117 -6.25 8.54 2.00
CA ASN A 117 -7.60 9.05 1.77
C ASN A 117 -7.77 10.53 2.18
N SER A 118 -8.99 11.04 2.06
CA SER A 118 -9.34 12.42 2.36
C SER A 118 -9.66 12.68 3.83
N ASP A 119 -10.37 11.75 4.49
CA ASP A 119 -10.83 11.92 5.87
C ASP A 119 -9.76 12.15 6.94
N LYS A 120 -8.67 11.38 6.89
CA LYS A 120 -7.62 11.50 7.91
C LYS A 120 -6.40 12.36 7.54
N ILE A 121 -6.49 13.08 6.40
CA ILE A 121 -5.42 13.99 5.91
C ILE A 121 -5.96 15.38 5.50
N ARG A 122 -5.23 16.45 5.93
CA ARG A 122 -5.47 17.87 5.60
C ARG A 122 -4.85 18.10 4.22
N GLY A 123 -5.65 18.64 3.31
CA GLY A 123 -5.17 18.90 1.96
C GLY A 123 -5.55 17.81 0.98
N ASN A 124 -5.66 16.58 1.48
CA ASN A 124 -6.10 15.45 0.66
C ASN A 124 -7.61 15.53 0.66
N GLU A 125 -8.19 15.81 -0.51
CA GLU A 125 -9.63 15.92 -0.72
C GLU A 125 -9.98 15.07 -1.94
N ASN A 126 -10.97 14.18 -1.76
CA ASN A 126 -11.54 13.21 -2.73
C ASN A 126 -11.41 13.60 -4.21
N ASN A 127 -11.97 14.78 -4.59
CA ASN A 127 -11.98 15.36 -5.94
C ASN A 127 -10.61 15.31 -6.62
N ALA A 128 -9.60 16.06 -6.09
CA ALA A 128 -8.23 16.06 -6.61
C ALA A 128 -7.63 14.67 -6.39
N ASN A 129 -7.18 14.05 -7.49
CA ASN A 129 -6.64 12.68 -7.46
C ASN A 129 -5.30 12.59 -6.71
N GLY A 130 -4.53 13.69 -6.71
CA GLY A 130 -3.25 13.81 -6.00
C GLY A 130 -3.43 13.82 -4.50
N ALA A 131 -2.68 12.97 -3.80
CA ALA A 131 -2.74 12.84 -2.34
C ALA A 131 -1.39 12.47 -1.73
N ALA A 132 -1.14 12.94 -0.50
CA ALA A 132 0.08 12.65 0.28
C ALA A 132 -0.15 11.37 1.12
N CYS A 133 0.89 10.52 1.30
CA CYS A 133 0.72 9.28 2.06
C CYS A 133 1.39 9.17 3.42
N ALA A 134 0.56 9.34 4.49
CA ALA A 134 0.97 9.27 5.91
C ALA A 134 1.56 7.88 6.19
N PRO A 135 2.89 7.75 6.36
CA PRO A 135 3.49 6.41 6.54
C PRO A 135 3.02 5.71 7.80
N PRO A 136 3.12 4.36 7.92
CA PRO A 136 2.73 3.70 9.17
C PRO A 136 3.45 4.30 10.40
N ARG A 137 4.76 4.60 10.26
CA ARG A 137 5.58 5.19 11.30
C ARG A 137 4.99 6.49 11.88
N ARG A 138 4.46 7.40 11.04
CA ARG A 138 3.83 8.62 11.50
C ARG A 138 2.48 8.30 12.15
N ARG A 139 1.63 7.51 11.45
CA ARG A 139 0.29 7.10 11.88
C ARG A 139 0.20 6.75 13.38
N HIS A 140 1.30 6.16 13.92
CA HIS A 140 1.39 5.71 15.29
C HIS A 140 2.55 6.33 16.09
N ILE A 141 2.67 7.66 16.03
CA ILE A 141 3.66 8.44 16.79
C ILE A 141 3.29 8.48 18.31
N CYS A 142 4.28 8.73 19.18
CA CYS A 142 4.10 8.70 20.66
C CYS A 142 3.80 10.04 21.30
N ASP A 143 2.56 10.50 21.12
CA ASP A 143 2.09 11.82 21.51
C ASP A 143 0.81 11.81 22.37
N GLN A 144 0.52 10.70 23.02
CA GLN A 144 -0.74 10.57 23.78
C GLN A 144 -0.76 11.50 25.00
N ASN A 145 0.45 11.91 25.46
CA ASN A 145 0.69 12.82 26.56
C ASN A 145 0.42 14.26 26.17
N LEU A 146 0.53 14.56 24.84
CA LEU A 146 0.29 15.85 24.21
C LEU A 146 -1.21 16.13 24.05
N GLU A 147 -2.03 15.10 24.23
CA GLU A 147 -3.48 15.27 24.16
C GLU A 147 -3.98 15.93 25.48
N PHE A 148 -3.03 16.15 26.43
CA PHE A 148 -3.25 16.64 27.79
C PHE A 148 -2.73 18.02 28.16
N LEU A 149 -2.20 18.74 27.12
CA LEU A 149 -1.60 20.08 27.10
C LEU A 149 -2.45 21.25 27.55
N ASP A 150 -3.80 21.13 27.49
CA ASP A 150 -4.71 22.20 27.95
C ASP A 150 -5.06 21.99 29.43
N ASN A 151 -4.36 22.68 30.36
CA ASN A 151 -4.52 22.57 31.83
C ASN A 151 -3.84 23.70 32.58
N LYS A 152 -4.10 23.80 33.89
CA LYS A 152 -3.59 24.88 34.71
C LYS A 152 -2.12 24.87 34.97
N ASN A 153 -1.47 23.73 34.78
CA ASN A 153 -0.02 23.67 34.99
C ASN A 153 0.79 23.87 33.73
N THR A 154 0.14 23.84 32.54
CA THR A 154 0.83 24.12 31.28
C THR A 154 0.58 25.55 30.82
N ASN A 155 1.56 26.46 31.07
CA ASN A 155 1.52 27.89 30.73
C ASN A 155 2.89 28.48 30.35
N THR A 156 4.00 27.73 30.46
CA THR A 156 5.29 28.27 30.03
C THR A 156 5.91 27.54 28.84
N ALA A 157 6.98 28.17 28.27
CA ALA A 157 7.86 27.63 27.21
C ALA A 157 8.56 26.38 27.72
N HIS A 158 8.92 26.39 29.04
CA HIS A 158 9.54 25.29 29.75
C HIS A 158 8.58 24.09 29.81
N ASP A 159 7.33 24.30 30.33
CA ASP A 159 6.30 23.25 30.43
C ASP A 159 6.15 22.51 29.08
N LEU A 160 5.89 23.27 28.01
CA LEU A 160 5.76 22.74 26.67
C LEU A 160 6.96 21.90 26.27
N LEU A 161 8.20 22.42 26.44
CA LEU A 161 9.40 21.69 26.08
C LEU A 161 9.46 20.32 26.75
N GLY A 162 9.20 20.27 28.06
CA GLY A 162 9.16 19.00 28.79
C GLY A 162 8.08 18.04 28.31
N ASN A 163 7.07 18.57 27.66
CA ASN A 163 6.06 17.69 27.14
C ASN A 163 6.53 17.12 25.83
N VAL A 164 7.16 17.99 25.01
CA VAL A 164 7.74 17.62 23.74
C VAL A 164 8.92 16.67 24.04
N LEU A 165 9.67 16.98 25.09
CA LEU A 165 10.77 16.14 25.50
C LEU A 165 10.43 14.72 25.92
N VAL A 166 9.29 14.52 26.61
CA VAL A 166 8.85 13.17 26.99
C VAL A 166 8.46 12.41 25.73
N THR A 167 7.59 13.04 24.90
CA THR A 167 7.18 12.53 23.60
C THR A 167 8.42 12.06 22.80
N ALA A 168 9.43 12.95 22.61
CA ALA A 168 10.67 12.66 21.88
C ALA A 168 11.43 11.51 22.45
N LYS A 169 11.42 11.35 23.78
CA LYS A 169 12.17 10.24 24.44
C LYS A 169 11.59 8.87 24.10
N TYR A 170 10.32 8.69 24.44
CA TYR A 170 9.53 7.48 24.26
C TYR A 170 9.37 7.12 22.81
N GLU A 171 9.20 8.12 21.92
CA GLU A 171 9.08 7.88 20.49
C GLU A 171 10.45 7.40 19.98
N GLY A 172 11.52 8.03 20.44
CA GLY A 172 12.87 7.66 20.07
C GLY A 172 13.24 6.27 20.57
N ASN A 173 12.61 5.86 21.68
CA ASN A 173 12.82 4.56 22.28
C ASN A 173 12.24 3.52 21.34
N TYR A 174 10.93 3.60 21.09
CA TYR A 174 10.19 2.70 20.20
C TYR A 174 10.91 2.45 18.86
N ILE A 175 11.34 3.52 18.17
CA ILE A 175 12.03 3.43 16.89
C ILE A 175 13.26 2.53 17.03
N VAL A 176 14.10 2.78 18.04
CA VAL A 176 15.31 1.99 18.26
C VAL A 176 15.04 0.54 18.64
N ASN A 177 14.00 0.30 19.44
CA ASN A 177 13.63 -1.05 19.91
C ASN A 177 12.51 -1.65 19.07
N ASP A 178 12.70 -1.65 17.72
CA ASP A 178 11.71 -2.14 16.75
C ASP A 178 12.22 -2.11 15.30
N HIS A 179 13.29 -1.35 15.06
CA HIS A 179 13.88 -1.13 13.75
C HIS A 179 14.44 -2.39 13.03
N PRO A 180 14.24 -2.55 11.69
CA PRO A 180 14.82 -3.71 10.98
C PRO A 180 16.35 -3.81 11.06
N ASP A 181 17.03 -2.66 11.02
CA ASP A 181 18.50 -2.56 11.12
C ASP A 181 18.96 -2.75 12.58
N LYS A 182 18.01 -2.82 13.55
CA LYS A 182 18.25 -2.98 15.01
C LYS A 182 19.42 -3.89 15.32
N ASN A 183 19.36 -5.12 14.82
CA ASN A 183 20.39 -6.11 15.05
C ASN A 183 21.45 -6.23 13.93
N SER A 184 21.28 -5.46 12.82
CA SER A 184 22.19 -5.48 11.64
C SER A 184 23.68 -5.54 11.98
N ASN A 185 24.42 -6.37 11.23
CA ASN A 185 25.86 -6.57 11.38
C ASN A 185 26.67 -5.33 10.95
N GLY A 186 26.24 -4.70 9.85
CA GLY A 186 26.86 -3.51 9.30
C GLY A 186 26.54 -2.23 10.05
N ASN A 187 26.65 -1.09 9.35
CA ASN A 187 26.35 0.22 9.95
C ASN A 187 24.86 0.40 10.21
N LYS A 188 24.55 0.97 11.37
CA LYS A 188 23.19 1.18 11.86
C LYS A 188 22.60 2.55 11.43
N ALA A 189 23.01 3.05 10.24
CA ALA A 189 22.61 4.32 9.63
C ALA A 189 21.09 4.52 9.51
N GLY A 190 20.38 3.43 9.21
CA GLY A 190 18.94 3.40 9.03
C GLY A 190 18.11 3.85 10.23
N ILE A 191 18.62 3.62 11.44
CA ILE A 191 17.92 3.98 12.68
C ILE A 191 17.83 5.48 12.82
N CYS A 192 18.95 6.18 12.57
CA CYS A 192 19.04 7.63 12.64
C CYS A 192 18.07 8.27 11.69
N THR A 193 18.03 7.75 10.44
CA THR A 193 17.18 8.19 9.34
C THR A 193 15.70 8.14 9.70
N SER A 194 15.31 7.10 10.45
CA SER A 194 13.94 6.93 10.91
C SER A 194 13.64 7.94 12.03
N LEU A 195 14.65 8.23 12.87
CA LEU A 195 14.54 9.19 13.97
C LEU A 195 14.35 10.60 13.39
N ALA A 196 15.24 10.96 12.43
CA ALA A 196 15.17 12.20 11.66
C ALA A 196 13.70 12.40 11.16
N ARG A 197 13.08 11.30 10.63
CA ARG A 197 11.68 11.28 10.15
C ARG A 197 10.65 11.59 11.26
N SER A 198 10.88 11.05 12.46
CA SER A 198 10.00 11.22 13.62
C SER A 198 10.15 12.59 14.21
N PHE A 199 11.40 13.08 14.22
CA PHE A 199 11.81 14.39 14.70
C PHE A 199 11.09 15.47 13.90
N ALA A 200 11.20 15.36 12.57
CA ALA A 200 10.59 16.28 11.65
C ALA A 200 9.07 16.27 11.80
N ASP A 201 8.49 15.07 11.94
CA ASP A 201 7.04 14.94 12.09
C ASP A 201 6.54 15.54 13.38
N ILE A 202 7.32 15.40 14.49
CA ILE A 202 7.08 15.96 15.83
C ILE A 202 7.08 17.48 15.67
N GLY A 203 8.10 17.99 15.00
CA GLY A 203 8.25 19.41 14.68
C GLY A 203 7.02 19.95 13.97
N ASP A 204 6.65 19.35 12.83
CA ASP A 204 5.45 19.75 12.10
C ASP A 204 4.20 19.70 12.99
N ILE A 205 4.21 18.80 13.99
CA ILE A 205 3.11 18.70 14.94
C ILE A 205 3.11 19.95 15.80
N VAL A 206 4.24 20.25 16.50
CA VAL A 206 4.48 21.44 17.36
C VAL A 206 4.04 22.70 16.58
N ARG A 207 4.58 22.88 15.37
CA ARG A 207 4.39 24.03 14.48
C ARG A 207 2.98 24.30 14.00
N GLY A 208 2.14 23.25 13.95
CA GLY A 208 0.78 23.31 13.41
C GLY A 208 0.76 22.94 11.95
N ARG A 209 1.97 22.67 11.37
CA ARG A 209 2.20 22.30 9.96
C ARG A 209 1.77 20.85 9.57
N ASP A 210 1.79 19.89 10.51
CA ASP A 210 1.39 18.48 10.32
C ASP A 210 0.03 18.35 9.67
N MET A 211 -0.09 17.45 8.67
CA MET A 211 -1.32 17.25 7.92
C MET A 211 -2.24 16.11 8.32
N PHE A 212 -1.75 15.15 9.12
CA PHE A 212 -2.55 14.01 9.56
C PHE A 212 -3.60 14.38 10.64
N LEU A 213 -4.88 14.16 10.33
CA LEU A 213 -5.98 14.38 11.27
C LEU A 213 -6.56 13.01 11.65
N PRO A 214 -6.16 12.41 12.80
CA PRO A 214 -6.70 11.07 13.15
C PRO A 214 -8.18 11.11 13.54
N ASN A 215 -8.59 12.12 14.34
CA ASN A 215 -9.96 12.28 14.80
C ASN A 215 -10.36 13.72 15.00
N LYS A 216 -11.61 14.02 14.60
CA LYS A 216 -12.31 15.32 14.63
C LYS A 216 -12.10 16.07 15.95
N ASP A 217 -11.70 15.34 17.03
CA ASP A 217 -11.40 15.84 18.37
C ASP A 217 -10.20 16.77 18.36
N ASP A 218 -9.17 16.51 17.50
CA ASP A 218 -7.93 17.28 17.32
C ASP A 218 -7.33 17.78 18.63
N LYS A 219 -7.08 16.85 19.55
CA LYS A 219 -6.59 17.13 20.91
C LYS A 219 -5.17 17.65 21.04
N VAL A 220 -4.21 17.14 20.23
CA VAL A 220 -2.83 17.65 20.28
C VAL A 220 -2.89 19.09 19.78
N GLN A 221 -3.41 19.28 18.57
CA GLN A 221 -3.48 20.58 17.98
C GLN A 221 -4.32 21.56 18.76
N LYS A 222 -5.49 21.15 19.30
CA LYS A 222 -6.31 22.06 20.12
C LYS A 222 -5.57 22.53 21.37
N GLY A 223 -4.94 21.60 22.07
CA GLY A 223 -4.15 21.88 23.27
C GLY A 223 -2.92 22.72 22.99
N LEU A 224 -2.15 22.32 21.96
CA LEU A 224 -0.94 23.00 21.47
C LEU A 224 -1.26 24.48 21.14
N GLN A 225 -2.51 24.78 20.76
CA GLN A 225 -2.99 26.15 20.53
C GLN A 225 -3.04 26.87 21.86
N VAL A 226 -3.79 26.28 22.83
CA VAL A 226 -4.02 26.80 24.20
C VAL A 226 -2.74 27.15 24.96
N VAL A 227 -1.69 26.31 24.79
CA VAL A 227 -0.34 26.51 25.37
C VAL A 227 0.26 27.80 24.79
N PHE A 228 0.39 27.88 23.43
CA PHE A 228 0.98 29.03 22.74
C PHE A 228 0.30 30.38 22.94
N LYS A 229 -1.03 30.38 23.16
CA LYS A 229 -1.86 31.54 23.45
C LYS A 229 -1.40 32.11 24.79
N LYS A 230 -1.19 31.23 25.80
CA LYS A 230 -0.67 31.54 27.15
C LYS A 230 0.79 31.98 27.05
N ILE A 231 1.65 31.28 26.24
CA ILE A 231 3.05 31.67 26.04
C ILE A 231 3.09 33.07 25.47
N TYR A 232 2.26 33.36 24.47
CA TYR A 232 2.20 34.66 23.87
C TYR A 232 1.89 35.79 24.86
N LYS A 233 0.87 35.61 25.73
CA LYS A 233 0.54 36.63 26.73
C LYS A 233 1.73 36.87 27.69
N SER A 234 2.38 35.78 28.16
CA SER A 234 3.59 35.76 29.01
C SER A 234 4.76 36.57 28.44
N LEU A 235 4.86 36.71 27.09
CA LEU A 235 5.94 37.44 26.41
C LEU A 235 6.01 38.91 26.83
N THR A 236 7.10 39.64 26.50
CA THR A 236 7.19 41.07 26.82
C THR A 236 6.36 41.90 25.81
N PRO A 237 6.08 43.20 26.06
CA PRO A 237 5.37 44.01 25.04
C PRO A 237 6.01 43.99 23.65
N GLU A 238 7.34 44.10 23.58
CA GLU A 238 8.21 44.11 22.38
C GLU A 238 8.10 42.82 21.59
N ALA A 239 8.26 41.69 22.29
CA ALA A 239 8.13 40.35 21.75
C ALA A 239 6.70 40.16 21.25
N ARG A 240 5.66 40.48 22.09
CA ARG A 240 4.23 40.37 21.71
C ARG A 240 3.92 41.16 20.44
N LYS A 241 4.47 42.39 20.34
CA LYS A 241 4.34 43.30 19.20
C LYS A 241 4.99 42.65 18.01
N HIS A 242 6.12 41.96 18.23
CA HIS A 242 6.85 41.34 17.14
C HIS A 242 6.16 40.12 16.62
N TYR A 243 5.78 39.16 17.49
CA TYR A 243 5.03 37.95 17.10
C TYR A 243 3.51 38.27 16.90
N ALA A 244 3.19 39.49 16.41
CA ALA A 244 1.85 39.95 16.13
C ALA A 244 1.58 40.21 14.64
N HIS A 245 0.27 40.28 14.31
CA HIS A 245 -0.27 40.54 12.98
C HIS A 245 -0.58 42.02 12.90
N GLY A 246 -0.63 42.55 11.68
CA GLY A 246 -0.92 43.95 11.44
C GLY A 246 -2.18 44.42 12.15
N ASP A 247 -3.13 43.50 12.36
CA ASP A 247 -4.37 43.79 13.04
C ASP A 247 -4.24 43.71 14.56
N GLY A 248 -3.06 43.37 15.04
CA GLY A 248 -2.80 43.31 16.47
C GLY A 248 -2.76 41.92 17.04
N SER A 249 -3.61 41.01 16.48
CA SER A 249 -3.72 39.60 16.83
C SER A 249 -2.33 38.93 16.78
N GLY A 250 -2.18 37.84 17.54
CA GLY A 250 -0.94 37.09 17.58
C GLY A 250 -0.71 36.24 16.34
N ASN A 251 0.56 36.22 15.88
CA ASN A 251 1.03 35.42 14.75
C ASN A 251 1.53 34.13 15.38
N TYR A 252 0.56 33.32 15.84
CA TYR A 252 0.84 32.07 16.52
C TYR A 252 1.70 31.17 15.70
N ALA A 253 1.45 31.15 14.39
CA ALA A 253 2.24 30.42 13.38
C ALA A 253 3.74 30.78 13.49
N LYS A 254 4.05 32.10 13.57
CA LYS A 254 5.41 32.64 13.64
C LYS A 254 6.02 32.29 14.97
N LEU A 255 5.25 32.47 16.06
CA LEU A 255 5.66 32.17 17.44
C LEU A 255 6.24 30.76 17.54
N ARG A 256 5.46 29.82 16.98
CA ARG A 256 5.60 28.38 16.95
C ARG A 256 6.72 27.87 16.11
N GLU A 257 6.97 28.46 14.94
CA GLU A 257 8.07 28.01 14.06
C GLU A 257 9.37 28.29 14.80
N ASP A 258 9.42 29.45 15.49
CA ASP A 258 10.59 29.90 16.23
C ASP A 258 10.82 29.03 17.45
N TRP A 259 9.80 28.91 18.35
CA TRP A 259 9.88 28.02 19.50
C TRP A 259 10.62 26.70 19.12
N TRP A 260 10.27 26.11 17.94
CA TRP A 260 10.90 24.93 17.37
C TRP A 260 12.42 25.13 17.07
N THR A 261 12.81 26.23 16.40
CA THR A 261 14.21 26.53 16.02
C THR A 261 15.15 26.60 17.24
N ILE A 262 14.66 27.22 18.31
CA ILE A 262 15.38 27.38 19.57
C ILE A 262 15.57 25.98 20.21
N ASN A 263 14.46 25.36 20.61
CA ASN A 263 14.32 24.07 21.29
C ASN A 263 14.78 22.79 20.52
N ARG A 264 14.81 22.81 19.16
CA ARG A 264 15.18 21.64 18.32
C ARG A 264 16.41 20.82 18.73
N GLU A 265 17.45 21.45 19.29
CA GLU A 265 18.66 20.77 19.75
C GLU A 265 18.31 19.80 20.91
N GLN A 266 17.54 20.31 21.88
CA GLN A 266 17.00 19.60 23.04
C GLN A 266 16.03 18.49 22.59
N ILE A 267 15.19 18.75 21.55
CA ILE A 267 14.27 17.74 21.03
C ILE A 267 15.04 16.56 20.39
N TRP A 268 16.17 16.85 19.72
CA TRP A 268 17.02 15.84 19.12
C TRP A 268 17.75 14.97 20.16
N LYS A 269 18.04 15.52 21.35
CA LYS A 269 18.72 14.79 22.40
C LYS A 269 17.78 13.72 22.98
N ALA A 270 16.59 14.12 23.48
CA ALA A 270 15.57 13.19 24.03
C ALA A 270 15.20 12.06 23.00
N LEU A 271 15.23 12.41 21.72
CA LEU A 271 14.98 11.44 20.66
C LEU A 271 16.12 10.42 20.59
N THR A 272 17.39 10.89 20.39
CA THR A 272 18.59 10.04 20.28
C THR A 272 19.08 9.48 21.60
N CYS A 273 18.31 9.74 22.67
CA CYS A 273 18.55 9.31 24.04
C CYS A 273 18.72 7.80 24.14
N SER A 274 18.06 7.00 23.26
CA SER A 274 18.13 5.54 23.23
C SER A 274 19.00 4.98 22.10
N ALA A 275 19.29 5.79 21.07
CA ALA A 275 20.07 5.40 19.89
C ALA A 275 21.36 4.60 20.19
N PRO A 276 21.69 3.53 19.42
CA PRO A 276 22.92 2.78 19.72
C PRO A 276 24.18 3.50 19.31
N TYR A 277 25.29 3.22 20.02
CA TYR A 277 26.64 3.79 19.85
C TYR A 277 27.17 3.85 18.41
N TYR A 278 26.84 2.84 17.62
CA TYR A 278 27.33 2.59 16.26
C TYR A 278 26.47 3.18 15.15
N ALA A 279 25.31 3.77 15.53
CA ALA A 279 24.38 4.42 14.62
C ALA A 279 24.78 5.89 14.47
N ASP A 280 25.06 6.32 13.22
CA ASP A 280 25.48 7.68 12.91
C ASP A 280 24.71 8.22 11.73
N TYR A 281 24.20 9.46 11.84
CA TYR A 281 23.46 10.08 10.75
C TYR A 281 24.41 10.54 9.67
N PHE A 282 24.19 10.04 8.45
CA PHE A 282 24.99 10.40 7.27
C PHE A 282 24.16 11.20 6.30
N ARG A 283 24.83 12.02 5.46
CA ARG A 283 24.26 12.85 4.40
C ARG A 283 25.36 13.45 3.54
N LYS A 284 25.08 13.65 2.24
CA LYS A 284 26.02 14.23 1.29
C LYS A 284 25.68 15.67 0.91
N GLY A 285 26.71 16.48 0.68
CA GLY A 285 26.56 17.87 0.29
C GLY A 285 26.29 18.03 -1.19
N SER A 286 25.93 19.28 -1.60
CA SER A 286 25.62 19.70 -2.98
C SER A 286 26.71 19.31 -3.96
N ASP A 287 27.97 19.37 -3.50
CA ASP A 287 29.18 19.00 -4.23
C ASP A 287 29.33 17.46 -4.23
N GLY A 288 29.27 16.87 -3.04
CA GLY A 288 29.41 15.43 -2.80
C GLY A 288 30.19 15.11 -1.54
N THR A 289 30.40 16.15 -0.67
CA THR A 289 31.11 16.07 0.61
C THR A 289 30.35 15.17 1.57
N LEU A 290 31.07 14.39 2.39
CA LEU A 290 30.46 13.47 3.34
C LEU A 290 30.29 14.13 4.71
N HIS A 291 29.05 14.09 5.24
CA HIS A 291 28.70 14.65 6.55
C HIS A 291 28.25 13.50 7.45
N PHE A 292 28.99 13.29 8.55
CA PHE A 292 28.77 12.21 9.49
C PHE A 292 28.76 12.69 10.94
N SER A 293 28.07 11.95 11.82
CA SER A 293 28.06 12.27 13.24
C SER A 293 29.12 11.37 13.90
N SER A 294 30.31 11.95 14.16
CA SER A 294 31.50 11.29 14.69
C SER A 294 31.36 10.55 16.02
N HIS A 295 30.91 11.27 17.10
CA HIS A 295 30.76 10.73 18.47
C HIS A 295 29.87 9.48 18.60
N GLY A 296 28.87 9.35 17.72
CA GLY A 296 27.94 8.24 17.72
C GLY A 296 26.60 8.58 18.34
N LYS A 297 25.76 7.54 18.51
CA LYS A 297 24.42 7.61 19.11
C LYS A 297 23.47 8.56 18.35
N CYS A 298 23.62 8.64 17.01
CA CYS A 298 22.91 9.52 16.06
C CYS A 298 23.14 10.99 16.39
N GLY A 299 24.39 11.29 16.79
CA GLY A 299 24.85 12.64 17.17
C GLY A 299 24.31 13.19 18.47
N HIS A 300 24.02 12.31 19.43
CA HIS A 300 23.47 12.62 20.75
C HIS A 300 24.33 13.58 21.57
N ASN A 301 25.61 13.24 21.76
CA ASN A 301 26.54 14.08 22.53
C ASN A 301 27.36 15.03 21.65
N GLU A 302 26.74 15.53 20.57
CA GLU A 302 27.40 16.42 19.61
C GLU A 302 26.76 17.80 19.47
N GLY A 303 25.66 18.02 20.22
CA GLY A 303 24.93 19.28 20.20
C GLY A 303 23.97 19.40 19.04
N ALA A 304 24.26 20.34 18.11
CA ALA A 304 23.46 20.66 16.93
C ALA A 304 23.06 19.43 16.09
N PRO A 305 21.73 19.25 15.80
CA PRO A 305 21.28 18.05 15.07
C PRO A 305 21.97 17.78 13.74
N PRO A 306 22.22 16.48 13.40
CA PRO A 306 22.88 16.17 12.11
C PRO A 306 21.92 16.28 10.93
N THR A 307 20.60 16.36 11.23
CA THR A 307 19.51 16.47 10.26
C THR A 307 18.90 17.88 10.19
N TYR A 308 18.31 18.18 9.03
CA TYR A 308 17.64 19.43 8.72
C TYR A 308 16.30 19.07 8.11
N LEU A 309 15.91 17.77 8.23
CA LEU A 309 14.66 17.24 7.72
C LEU A 309 13.43 17.98 8.21
N ASP A 310 13.53 18.65 9.37
CA ASP A 310 12.49 19.48 9.94
C ASP A 310 12.36 20.80 9.17
N TYR A 311 13.09 20.91 8.06
CA TYR A 311 13.02 22.09 7.20
C TYR A 311 12.75 21.68 5.75
N VAL A 312 12.09 20.50 5.59
CA VAL A 312 11.65 19.84 4.34
C VAL A 312 10.12 19.67 4.44
N PRO A 313 9.33 20.05 3.40
CA PRO A 313 7.87 19.85 3.49
C PRO A 313 7.50 18.37 3.70
N GLN A 314 6.49 18.13 4.56
CA GLN A 314 5.99 16.82 4.98
C GLN A 314 5.84 15.83 3.82
N PHE A 315 5.06 16.25 2.78
CA PHE A 315 4.80 15.46 1.59
C PHE A 315 6.07 14.83 1.03
N LEU A 316 7.11 15.63 0.76
CA LEU A 316 8.36 15.11 0.24
C LEU A 316 9.01 14.10 1.18
N ARG A 317 9.06 14.42 2.50
CA ARG A 317 9.64 13.51 3.50
C ARG A 317 8.93 12.16 3.42
N TRP A 318 7.58 12.22 3.41
CA TRP A 318 6.66 11.09 3.31
C TRP A 318 6.85 10.29 2.02
N PHE A 319 6.95 10.98 0.88
CA PHE A 319 7.14 10.37 -0.43
C PHE A 319 8.47 9.63 -0.45
N GLU A 320 9.54 10.28 0.07
CA GLU A 320 10.88 9.71 0.19
C GLU A 320 10.84 8.50 1.15
N GLU A 321 9.98 8.55 2.18
CA GLU A 321 9.82 7.46 3.13
C GLU A 321 9.07 6.30 2.46
N TRP A 322 7.97 6.61 1.72
CA TRP A 322 7.12 5.67 0.98
C TRP A 322 7.96 4.85 0.03
N SER A 323 8.80 5.54 -0.77
CA SER A 323 9.69 4.92 -1.74
C SER A 323 10.67 3.99 -1.07
N GLU A 324 11.35 4.49 -0.02
CA GLU A 324 12.35 3.73 0.74
C GLU A 324 11.82 2.50 1.48
N GLU A 325 10.54 2.53 1.86
CA GLU A 325 9.88 1.41 2.53
C GLU A 325 9.31 0.45 1.50
N PHE A 326 8.81 0.97 0.34
CA PHE A 326 8.32 0.15 -0.78
C PHE A 326 9.46 -0.78 -1.24
N CYS A 327 10.63 -0.21 -1.57
CA CYS A 327 11.82 -0.93 -2.00
C CYS A 327 12.28 -1.97 -1.01
N ARG A 328 12.19 -1.67 0.28
CA ARG A 328 12.57 -2.55 1.39
C ARG A 328 11.62 -3.73 1.53
N ILE A 329 10.29 -3.48 1.64
CA ILE A 329 9.26 -4.50 1.77
C ILE A 329 9.17 -5.36 0.52
N LYS A 330 9.28 -4.74 -0.69
CA LYS A 330 9.28 -5.50 -1.95
C LYS A 330 10.31 -6.63 -1.92
N LYS A 331 11.49 -6.41 -1.28
CA LYS A 331 12.54 -7.42 -1.13
C LYS A 331 12.07 -8.59 -0.24
N ILE A 332 11.33 -8.27 0.86
CA ILE A 332 10.73 -9.23 1.78
C ILE A 332 9.61 -10.02 1.05
N LYS A 333 8.68 -9.29 0.40
CA LYS A 333 7.54 -9.83 -0.35
C LYS A 333 7.98 -10.85 -1.43
N ILE A 334 8.99 -10.46 -2.24
CA ILE A 334 9.57 -11.27 -3.31
C ILE A 334 10.23 -12.50 -2.72
N ASP A 335 10.89 -12.33 -1.57
CA ASP A 335 11.54 -13.45 -0.91
C ASP A 335 10.57 -14.49 -0.41
N LYS A 336 9.38 -14.06 0.08
CA LYS A 336 8.31 -14.94 0.52
C LYS A 336 7.68 -15.66 -0.69
N VAL A 337 7.62 -14.98 -1.85
CA VAL A 337 7.14 -15.53 -3.11
C VAL A 337 8.14 -16.58 -3.62
N LYS A 338 9.44 -16.26 -3.61
CA LYS A 338 10.53 -17.16 -4.02
C LYS A 338 10.52 -18.47 -3.19
N LYS A 339 10.17 -18.34 -1.89
CA LYS A 339 10.06 -19.42 -0.91
C LYS A 339 9.03 -20.45 -1.33
N GLU A 340 7.89 -20.02 -1.92
CA GLU A 340 6.82 -20.95 -2.30
C GLU A 340 6.78 -21.26 -3.79
N CYS A 341 7.54 -20.52 -4.61
CA CYS A 341 7.46 -20.65 -6.07
C CYS A 341 8.76 -21.01 -6.78
N ARG A 342 9.94 -20.67 -6.19
CA ARG A 342 11.22 -20.89 -6.88
C ARG A 342 12.46 -21.00 -5.98
N ASP A 343 12.72 -22.22 -5.50
CA ASP A 343 13.91 -22.57 -4.74
C ASP A 343 14.53 -23.80 -5.38
N GLU A 344 15.18 -23.57 -6.53
CA GLU A 344 15.84 -24.56 -7.36
C GLU A 344 16.92 -25.33 -6.60
N GLN A 345 17.51 -24.67 -5.58
CA GLN A 345 18.52 -25.24 -4.68
C GLN A 345 17.90 -26.36 -3.86
N ASN A 346 16.57 -26.29 -3.63
CA ASN A 346 15.82 -27.28 -2.86
C ASN A 346 14.69 -27.93 -3.69
N LYS A 347 14.97 -28.17 -4.99
CA LYS A 347 14.06 -28.80 -5.96
C LYS A 347 12.62 -28.18 -5.97
N LYS A 348 12.52 -26.86 -5.66
CA LYS A 348 11.24 -26.15 -5.64
C LYS A 348 11.08 -25.34 -6.93
N TYR A 349 9.92 -25.50 -7.61
CA TYR A 349 9.56 -24.80 -8.86
C TYR A 349 8.06 -24.96 -9.03
N CYS A 350 7.33 -23.84 -9.03
CA CYS A 350 5.88 -23.81 -9.08
C CYS A 350 5.29 -22.73 -9.93
N SER A 351 4.00 -22.91 -10.32
CA SER A 351 3.23 -21.94 -11.09
C SER A 351 2.39 -21.08 -10.15
N GLY A 352 2.06 -19.88 -10.61
CA GLY A 352 1.20 -18.94 -9.90
C GLY A 352 -0.24 -19.42 -9.87
N ASP A 353 -0.51 -20.50 -10.65
CA ASP A 353 -1.81 -21.17 -10.67
C ASP A 353 -1.73 -22.41 -9.80
N GLY A 354 -0.66 -22.47 -9.01
CA GLY A 354 -0.38 -23.50 -8.01
C GLY A 354 -0.21 -24.90 -8.53
N HIS A 355 0.89 -25.20 -9.23
CA HIS A 355 1.18 -26.54 -9.74
C HIS A 355 2.67 -26.78 -9.61
N ASP A 356 3.05 -27.99 -9.19
CA ASP A 356 4.47 -28.30 -9.09
C ASP A 356 5.00 -28.68 -10.46
N CYS A 357 5.81 -27.78 -11.04
CA CYS A 357 6.41 -27.95 -12.37
C CYS A 357 7.47 -29.05 -12.38
N THR A 358 7.98 -29.45 -11.18
CA THR A 358 9.01 -30.48 -11.05
C THR A 358 8.48 -31.87 -11.35
N GLN A 359 7.17 -32.10 -11.06
CA GLN A 359 6.42 -33.32 -11.27
C GLN A 359 6.63 -33.96 -12.65
N THR A 360 6.70 -35.31 -12.67
CA THR A 360 6.86 -36.17 -13.84
C THR A 360 5.57 -36.16 -14.62
N ASN A 361 4.46 -36.59 -13.95
CA ASN A 361 3.09 -36.55 -14.43
C ASN A 361 2.52 -35.25 -13.85
N LEU A 362 2.25 -34.27 -14.75
CA LEU A 362 1.82 -32.90 -14.45
C LEU A 362 0.33 -32.67 -14.23
N ALA A 363 0.00 -32.12 -13.05
CA ALA A 363 -1.36 -31.81 -12.61
C ALA A 363 -2.05 -30.68 -13.38
N HIS A 364 -1.27 -29.77 -14.05
CA HIS A 364 -1.83 -28.62 -14.77
C HIS A 364 -2.70 -28.93 -15.99
N ASN A 365 -2.55 -30.13 -16.62
CA ASN A 365 -3.38 -30.53 -17.76
C ASN A 365 -4.42 -31.57 -17.33
N GLN A 366 -4.40 -31.91 -16.05
CA GLN A 366 -5.36 -32.85 -15.52
C GLN A 366 -6.43 -32.06 -14.77
N ILE A 367 -7.38 -31.60 -15.55
CA ILE A 367 -8.51 -30.76 -15.15
C ILE A 367 -9.26 -31.12 -13.84
N PHE A 368 -9.52 -32.40 -13.60
CA PHE A 368 -10.24 -32.79 -12.39
C PHE A 368 -9.36 -32.97 -11.13
N VAL A 369 -8.01 -33.07 -11.31
CA VAL A 369 -6.95 -33.19 -10.31
C VAL A 369 -6.86 -31.90 -9.46
N ASP A 370 -6.71 -32.06 -8.13
CA ASP A 370 -6.54 -30.92 -7.22
C ASP A 370 -5.14 -30.33 -7.40
N LEU A 371 -4.93 -29.13 -6.91
CA LEU A 371 -3.61 -28.55 -7.10
C LEU A 371 -2.59 -28.81 -6.02
N ASP A 372 -1.43 -29.30 -6.49
CA ASP A 372 -0.17 -29.51 -5.75
C ASP A 372 0.45 -28.14 -5.76
N CYS A 373 1.24 -27.78 -4.74
CA CYS A 373 1.85 -26.44 -4.65
C CYS A 373 0.84 -25.23 -4.59
N PRO A 374 -0.32 -25.30 -3.86
CA PRO A 374 -1.25 -24.16 -3.84
C PRO A 374 -0.79 -22.94 -3.05
N ARG A 375 0.27 -23.10 -2.22
CA ARG A 375 0.90 -22.04 -1.42
C ARG A 375 1.52 -21.00 -2.33
N CYS A 376 2.01 -21.40 -3.52
CA CYS A 376 2.58 -20.51 -4.53
C CYS A 376 1.53 -19.54 -5.05
N GLN A 377 0.39 -20.07 -5.50
CA GLN A 377 -0.75 -19.31 -5.97
C GLN A 377 -1.21 -18.34 -4.85
N ASP A 378 -1.30 -18.84 -3.59
CA ASP A 378 -1.67 -18.07 -2.39
C ASP A 378 -0.74 -16.85 -2.20
N GLN A 379 0.56 -17.06 -2.41
CA GLN A 379 1.60 -16.04 -2.29
C GLN A 379 1.49 -14.99 -3.39
N CYS A 380 1.22 -15.44 -4.64
CA CYS A 380 1.08 -14.59 -5.83
C CYS A 380 -0.11 -13.70 -5.77
N ILE A 381 -1.28 -14.25 -5.41
CA ILE A 381 -2.51 -13.46 -5.23
C ILE A 381 -2.24 -12.32 -4.24
N LYS A 382 -1.61 -12.65 -3.09
CA LYS A 382 -1.24 -11.72 -2.03
C LYS A 382 -0.27 -10.69 -2.56
N TYR A 383 0.86 -11.13 -3.18
CA TYR A 383 1.87 -10.23 -3.72
C TYR A 383 1.24 -9.25 -4.70
N ASN A 384 0.41 -9.75 -5.64
CA ASN A 384 -0.27 -8.91 -6.63
C ASN A 384 -1.10 -7.84 -5.95
N GLU A 385 -1.93 -8.23 -4.97
CA GLU A 385 -2.78 -7.34 -4.18
C GLU A 385 -2.01 -6.24 -3.43
N TRP A 386 -0.78 -6.54 -3.00
CA TRP A 386 0.08 -5.54 -2.34
C TRP A 386 0.63 -4.57 -3.38
N ILE A 387 1.19 -5.09 -4.48
CA ILE A 387 1.79 -4.32 -5.57
C ILE A 387 0.81 -3.33 -6.21
N VAL A 388 -0.50 -3.67 -6.22
CA VAL A 388 -1.57 -2.81 -6.76
C VAL A 388 -1.99 -1.76 -5.71
N LYS A 389 -1.90 -2.11 -4.39
CA LYS A 389 -2.19 -1.19 -3.30
C LYS A 389 -1.09 -0.13 -3.33
N LYS A 390 0.18 -0.61 -3.46
CA LYS A 390 1.41 0.17 -3.61
C LYS A 390 1.34 1.07 -4.83
N LEU A 391 0.87 0.54 -5.99
CA LEU A 391 0.71 1.33 -7.23
C LEU A 391 -0.24 2.52 -7.07
N GLU A 392 -1.45 2.30 -6.50
CA GLU A 392 -2.44 3.35 -6.19
C GLU A 392 -1.80 4.52 -5.39
N GLU A 393 -0.97 4.19 -4.36
CA GLU A 393 -0.25 5.14 -3.49
C GLU A 393 0.78 5.94 -4.30
N PHE A 394 1.51 5.26 -5.19
CA PHE A 394 2.53 5.89 -6.04
C PHE A 394 1.89 6.83 -7.06
N TYR A 395 0.69 6.49 -7.54
CA TYR A 395 -0.06 7.34 -8.48
C TYR A 395 -0.49 8.61 -7.75
N LYS A 396 -1.21 8.47 -6.61
CA LYS A 396 -1.70 9.59 -5.78
C LYS A 396 -0.61 10.58 -5.46
N GLN A 397 0.52 10.06 -4.97
CA GLN A 397 1.67 10.90 -4.63
C GLN A 397 2.26 11.57 -5.87
N ASN A 398 2.43 10.83 -6.97
CA ASN A 398 2.95 11.43 -8.20
C ASN A 398 2.20 12.69 -8.63
N LEU A 399 0.86 12.64 -8.59
CA LEU A 399 -0.05 13.75 -8.91
C LEU A 399 0.08 14.94 -7.98
N LYS A 400 0.26 14.70 -6.68
CA LYS A 400 0.44 15.75 -5.67
C LYS A 400 1.78 16.43 -5.88
N TYR A 401 2.84 15.69 -6.27
CA TYR A 401 4.15 16.29 -6.51
C TYR A 401 4.04 17.29 -7.63
N SER A 402 3.22 16.96 -8.66
CA SER A 402 2.96 17.87 -9.78
C SER A 402 2.16 19.08 -9.28
N MET A 403 1.01 18.86 -8.56
CA MET A 403 0.17 19.89 -7.94
C MET A 403 1.02 20.88 -7.14
N GLU A 404 1.98 20.36 -6.35
CA GLU A 404 2.88 21.18 -5.52
C GLU A 404 3.96 21.90 -6.34
N ILE A 405 4.61 21.23 -7.31
CA ILE A 405 5.66 21.88 -8.09
C ILE A 405 5.11 22.96 -9.05
N GLN A 406 3.81 22.87 -9.41
CA GLN A 406 3.19 23.88 -10.26
C GLN A 406 2.79 25.09 -9.42
N LYS A 407 2.12 24.83 -8.28
CA LYS A 407 1.63 25.78 -7.28
C LYS A 407 2.61 26.95 -6.95
N TRP A 408 3.92 26.66 -6.88
CA TRP A 408 4.94 27.67 -6.55
C TRP A 408 5.08 28.80 -7.61
N LYS A 409 5.06 28.45 -8.91
CA LYS A 409 5.16 29.44 -9.98
C LYS A 409 3.85 30.22 -10.09
N LYS A 410 2.71 29.49 -10.06
CA LYS A 410 1.34 30.02 -10.14
C LYS A 410 0.99 31.06 -9.06
N THR A 411 1.13 30.73 -7.77
CA THR A 411 0.78 31.68 -6.69
C THR A 411 1.84 32.75 -6.40
N LYS A 412 1.39 34.02 -6.33
CA LYS A 412 2.24 35.17 -6.05
C LYS A 412 2.42 35.35 -4.55
N ASN A 413 1.35 35.11 -3.76
CA ASN A 413 1.33 35.20 -2.30
C ASN A 413 2.23 34.15 -1.60
N ASN A 414 2.33 34.19 -0.26
CA ASN A 414 3.22 33.27 0.47
C ASN A 414 2.64 32.28 1.49
N TYR A 415 3.29 31.09 1.52
CA TYR A 415 3.10 29.91 2.37
C TYR A 415 4.50 29.33 2.57
N TYR A 416 4.79 28.86 3.79
CA TYR A 416 6.09 28.33 4.25
C TYR A 416 6.88 27.37 3.32
N ASP A 417 6.17 26.57 2.48
CA ASP A 417 6.81 25.58 1.63
C ASP A 417 7.43 26.12 0.36
N LYS A 418 6.78 27.16 -0.24
CA LYS A 418 7.13 27.88 -1.49
C LYS A 418 8.64 28.02 -1.75
N GLU A 419 9.35 28.57 -0.76
CA GLU A 419 10.80 28.81 -0.74
C GLU A 419 11.59 27.53 -1.06
N PHE A 420 11.13 26.37 -0.53
CA PHE A 420 11.73 25.06 -0.71
C PHE A 420 11.45 24.52 -2.12
N TYR A 421 10.15 24.47 -2.53
CA TYR A 421 9.72 24.01 -3.85
C TYR A 421 10.39 24.80 -4.98
N GLU A 422 10.59 26.12 -4.76
CA GLU A 422 11.27 27.04 -5.66
C GLU A 422 12.66 26.50 -5.95
N ASN A 423 13.48 26.37 -4.89
CA ASN A 423 14.86 25.87 -4.92
C ASN A 423 14.95 24.53 -5.65
N LEU A 424 13.96 23.63 -5.40
CA LEU A 424 13.87 22.29 -5.99
C LEU A 424 13.80 22.39 -7.52
N ASP A 425 12.93 23.29 -8.02
CA ASP A 425 12.75 23.54 -9.45
C ASP A 425 13.99 24.16 -10.04
N LYS A 426 14.74 24.97 -9.24
CA LYS A 426 16.00 25.60 -9.65
C LYS A 426 17.09 24.54 -9.88
N LYS A 427 16.95 23.37 -9.22
CA LYS A 427 17.80 22.21 -9.47
C LYS A 427 17.04 21.49 -10.58
N SER A 428 17.66 20.54 -11.29
CA SER A 428 16.97 19.87 -12.41
C SER A 428 15.56 19.25 -12.11
N TYR A 429 15.19 19.13 -10.81
CA TYR A 429 13.96 18.49 -10.32
C TYR A 429 12.68 19.33 -10.41
N SER A 430 12.50 19.94 -11.59
CA SER A 430 11.37 20.78 -11.99
C SER A 430 10.11 19.94 -12.18
N THR A 431 10.28 18.70 -12.68
CA THR A 431 9.19 17.76 -12.92
C THR A 431 9.32 16.40 -12.22
N ILE A 432 8.17 15.71 -12.12
CA ILE A 432 8.03 14.41 -11.48
C ILE A 432 9.10 13.41 -11.88
N ASP A 433 9.36 13.28 -13.18
CA ASP A 433 10.34 12.38 -13.80
C ASP A 433 11.76 12.56 -13.30
N LYS A 434 12.17 13.83 -13.11
CA LYS A 434 13.49 14.24 -12.65
C LYS A 434 13.68 13.93 -11.17
N PHE A 435 12.57 14.04 -10.41
CA PHE A 435 12.50 13.77 -8.97
C PHE A 435 12.42 12.27 -8.71
N LEU A 436 11.64 11.53 -9.55
CA LEU A 436 11.49 10.08 -9.44
C LEU A 436 12.83 9.41 -9.64
N ASN A 437 13.79 10.13 -10.25
CA ASN A 437 15.14 9.65 -10.47
C ASN A 437 15.89 9.61 -9.17
N LEU A 438 15.59 10.55 -8.27
CA LEU A 438 16.24 10.61 -6.96
C LEU A 438 15.65 9.50 -6.10
N LEU A 439 14.31 9.27 -6.22
CA LEU A 439 13.63 8.20 -5.50
C LEU A 439 14.27 6.85 -5.80
N ASN A 440 14.65 6.63 -7.09
CA ASN A 440 15.35 5.43 -7.55
C ASN A 440 16.71 5.30 -6.88
N ASN A 441 17.39 6.43 -6.62
CA ASN A 441 18.73 6.43 -6.04
C ASN A 441 18.85 6.19 -4.53
N GLY A 442 17.71 6.11 -3.83
CA GLY A 442 17.63 5.87 -2.40
C GLY A 442 18.29 4.57 -1.98
N LYS A 443 18.91 4.56 -0.77
CA LYS A 443 19.65 3.45 -0.16
C LYS A 443 19.10 2.07 -0.50
N HIS A 444 17.78 1.87 -0.29
CA HIS A 444 17.07 0.61 -0.54
C HIS A 444 16.76 0.35 -2.01
N CYS A 445 16.32 1.38 -2.73
CA CYS A 445 15.93 1.29 -4.13
C CYS A 445 17.07 1.10 -5.07
N HIS A 446 18.24 1.59 -4.71
CA HIS A 446 19.43 1.46 -5.53
C HIS A 446 20.11 0.12 -5.31
N ASP A 447 20.05 -0.40 -4.08
CA ASP A 447 20.68 -1.65 -3.70
C ASP A 447 20.02 -2.91 -4.31
N ASN A 448 20.42 -3.22 -5.56
CA ASN A 448 20.02 -4.41 -6.32
C ASN A 448 21.14 -4.71 -7.31
N LYS A 449 21.83 -5.86 -7.13
CA LYS A 449 22.91 -6.32 -8.03
C LYS A 449 22.34 -7.08 -9.25
N ASP A 450 20.99 -7.23 -9.26
CA ASP A 450 20.19 -7.90 -10.27
C ASP A 450 19.31 -6.88 -11.02
N GLU A 451 19.47 -6.81 -12.36
CA GLU A 451 18.69 -5.87 -13.19
C GLU A 451 17.29 -6.38 -13.50
N LYS A 452 16.99 -7.62 -13.05
CA LYS A 452 15.70 -8.29 -13.13
C LYS A 452 14.74 -7.50 -12.23
N ASN A 453 15.18 -7.23 -10.98
CA ASN A 453 14.43 -6.48 -9.96
C ASN A 453 14.96 -5.04 -9.81
N LYS A 454 15.41 -4.40 -10.91
CA LYS A 454 15.89 -3.01 -10.84
C LYS A 454 14.72 -2.04 -10.70
N ILE A 455 14.83 -1.11 -9.73
CA ILE A 455 13.78 -0.14 -9.48
C ILE A 455 14.00 1.17 -10.22
N ASP A 456 13.06 1.46 -11.15
CA ASP A 456 12.96 2.69 -11.93
C ASP A 456 11.52 3.12 -11.81
N PHE A 457 11.23 4.15 -11.00
CA PHE A 457 9.85 4.62 -10.80
C PHE A 457 9.29 5.29 -12.06
N ASN A 458 10.19 5.56 -13.01
CA ASN A 458 9.90 6.10 -14.34
C ASN A 458 9.54 4.96 -15.32
N LYS A 459 9.59 3.71 -14.84
CA LYS A 459 9.18 2.52 -15.55
C LYS A 459 8.16 1.87 -14.61
N PRO A 460 6.94 2.44 -14.45
CA PRO A 460 5.97 1.85 -13.52
C PRO A 460 5.52 0.46 -13.91
N ILE A 461 5.56 0.15 -15.21
CA ILE A 461 5.17 -1.12 -15.79
C ILE A 461 5.95 -2.26 -15.16
N LYS A 462 7.31 -2.21 -15.23
CA LYS A 462 8.20 -3.23 -14.68
C LYS A 462 8.25 -3.21 -13.17
N THR A 463 8.30 -2.01 -12.57
CA THR A 463 8.40 -1.87 -11.12
C THR A 463 7.13 -2.21 -10.34
N PHE A 464 5.97 -2.15 -11.01
CA PHE A 464 4.73 -2.53 -10.35
C PHE A 464 4.17 -3.78 -11.00
N SER A 465 5.08 -4.58 -11.60
CA SER A 465 4.72 -5.82 -12.29
C SER A 465 4.54 -6.94 -11.31
N ILE A 466 3.72 -7.93 -11.67
CA ILE A 466 3.53 -9.14 -10.88
C ILE A 466 4.80 -9.97 -11.14
N SER A 467 5.38 -10.52 -10.05
CA SER A 467 6.61 -11.30 -10.06
C SER A 467 6.72 -12.34 -11.15
N GLU A 468 7.94 -12.48 -11.71
CA GLU A 468 8.27 -13.45 -12.75
C GLU A 468 8.15 -14.90 -12.24
N TYR A 469 8.13 -15.07 -10.90
CA TYR A 469 7.99 -16.37 -10.26
C TYR A 469 6.56 -16.89 -10.31
N CYS A 470 5.60 -15.98 -10.55
CA CYS A 470 4.17 -16.28 -10.61
C CYS A 470 3.62 -16.58 -12.01
N LYS A 471 4.49 -17.10 -12.88
CA LYS A 471 4.17 -17.51 -14.24
C LYS A 471 3.75 -18.98 -14.24
N THR A 472 2.90 -19.40 -15.19
CA THR A 472 2.44 -20.80 -15.35
C THR A 472 3.64 -21.74 -15.53
N CYS A 473 3.43 -23.06 -15.26
CA CYS A 473 4.47 -24.08 -15.44
C CYS A 473 4.80 -24.17 -16.90
N PRO A 474 6.09 -24.36 -17.27
CA PRO A 474 6.41 -24.65 -18.67
C PRO A 474 5.63 -25.91 -19.01
N LEU A 475 4.73 -25.89 -20.02
CA LEU A 475 3.84 -27.02 -20.37
C LEU A 475 4.38 -28.44 -20.23
N TYR A 476 5.65 -28.66 -20.60
CA TYR A 476 6.26 -29.98 -20.48
C TYR A 476 6.87 -30.26 -19.10
N GLY A 477 7.05 -29.20 -18.31
CA GLY A 477 7.59 -29.27 -16.95
C GLY A 477 9.08 -28.99 -16.90
N VAL A 478 9.65 -29.17 -15.69
CA VAL A 478 11.07 -28.97 -15.43
C VAL A 478 11.67 -30.15 -14.68
N THR A 479 12.92 -30.47 -14.99
CA THR A 479 13.65 -31.56 -14.34
C THR A 479 14.87 -30.98 -13.65
N CYS A 480 14.80 -30.97 -12.31
CA CYS A 480 15.83 -30.38 -11.45
C CYS A 480 17.09 -31.18 -11.42
N THR A 481 18.22 -30.49 -11.21
CA THR A 481 19.52 -31.13 -11.15
C THR A 481 20.20 -30.90 -9.81
N ASN A 482 21.23 -31.71 -9.54
CA ASN A 482 22.10 -31.73 -8.36
C ASN A 482 22.87 -30.40 -8.21
N ARG A 483 23.12 -29.73 -9.36
CA ARG A 483 23.86 -28.46 -9.47
C ARG A 483 23.19 -27.23 -8.81
N GLY A 484 21.95 -27.40 -8.34
CA GLY A 484 21.17 -26.35 -7.66
C GLY A 484 20.20 -25.58 -8.52
N ILE A 485 19.92 -26.07 -9.75
CA ILE A 485 18.99 -25.45 -10.72
C ILE A 485 18.08 -26.49 -11.39
N CYS A 486 16.98 -26.03 -12.00
CA CYS A 486 15.98 -26.84 -12.70
C CYS A 486 15.92 -26.45 -14.16
N ILE A 487 15.90 -27.44 -15.06
CA ILE A 487 15.86 -27.15 -16.49
C ILE A 487 14.56 -27.48 -17.17
N HIS A 488 14.15 -26.60 -18.10
CA HIS A 488 12.97 -26.70 -18.95
C HIS A 488 13.15 -27.85 -19.92
N ASN A 489 12.32 -28.89 -19.79
CA ASN A 489 12.38 -30.01 -20.70
C ASN A 489 11.42 -29.79 -21.87
N SER A 490 11.86 -30.15 -23.10
CA SER A 490 11.10 -29.99 -24.34
C SER A 490 10.46 -31.29 -24.78
N ASN A 491 9.14 -31.26 -25.06
CA ASN A 491 8.28 -32.37 -25.48
C ASN A 491 8.37 -33.62 -24.55
N ASN A 492 8.60 -33.37 -23.24
CA ASN A 492 8.77 -34.35 -22.16
C ASN A 492 7.75 -35.49 -22.10
N LYS A 493 8.24 -36.71 -21.72
CA LYS A 493 7.49 -37.98 -21.59
C LYS A 493 6.53 -38.23 -22.78
N ASN A 494 7.06 -38.07 -24.01
CA ASN A 494 6.36 -38.20 -25.30
C ASN A 494 5.63 -39.55 -25.47
N LYS A 495 4.27 -39.49 -25.48
CA LYS A 495 3.34 -40.62 -25.62
C LYS A 495 3.39 -41.70 -24.51
N GLY A 496 3.96 -41.33 -23.36
CA GLY A 496 4.06 -42.18 -22.18
C GLY A 496 2.77 -42.15 -21.39
N GLU A 497 2.04 -43.30 -21.39
CA GLU A 497 0.72 -43.50 -20.76
C GLU A 497 -0.30 -42.59 -21.45
N ASN A 498 -0.15 -42.44 -22.79
CA ASN A 498 -1.01 -41.62 -23.63
C ASN A 498 -2.17 -42.40 -24.25
N ASP A 499 -2.09 -43.75 -24.23
CA ASP A 499 -3.09 -44.68 -24.75
C ASP A 499 -4.46 -44.50 -24.09
N LEU A 500 -4.46 -44.20 -22.77
CA LEU A 500 -5.66 -43.99 -21.94
C LEU A 500 -6.50 -42.77 -22.30
N ASN A 501 -5.88 -41.56 -22.40
CA ASN A 501 -6.58 -40.31 -22.74
C ASN A 501 -6.89 -40.16 -24.23
N LYS A 502 -6.28 -41.01 -25.10
CA LYS A 502 -6.45 -41.03 -26.55
C LYS A 502 -7.89 -41.29 -26.99
N ILE A 503 -8.58 -42.24 -26.31
CA ILE A 503 -9.99 -42.60 -26.59
C ILE A 503 -10.96 -41.49 -26.12
N ASN A 504 -10.54 -40.70 -25.09
CA ASN A 504 -11.28 -39.61 -24.46
C ASN A 504 -11.31 -38.28 -25.25
N ILE A 505 -10.68 -38.27 -26.45
CA ILE A 505 -10.63 -37.11 -27.37
C ILE A 505 -11.80 -37.21 -28.35
N LYS A 506 -12.79 -36.34 -28.17
CA LYS A 506 -13.99 -36.33 -28.99
C LYS A 506 -13.96 -35.32 -30.16
N ASP A 507 -13.01 -34.35 -30.12
CA ASP A 507 -12.85 -33.28 -31.12
C ASP A 507 -11.46 -32.64 -31.02
N LYS A 508 -10.64 -32.77 -32.07
CA LYS A 508 -9.26 -32.23 -32.05
C LYS A 508 -9.10 -30.85 -32.71
N SER A 509 -10.24 -30.28 -33.20
CA SER A 509 -10.26 -28.97 -33.85
C SER A 509 -10.01 -27.92 -32.80
N PRO A 510 -9.51 -26.71 -33.16
CA PRO A 510 -9.33 -25.67 -32.13
C PRO A 510 -10.63 -24.93 -31.84
N THR A 511 -10.70 -24.30 -30.67
CA THR A 511 -11.81 -23.43 -30.30
C THR A 511 -11.32 -22.08 -29.87
N THR A 512 -11.69 -21.07 -30.66
CA THR A 512 -11.35 -19.67 -30.44
C THR A 512 -12.49 -18.87 -29.78
N PHE A 513 -12.12 -18.08 -28.76
CA PHE A 513 -12.99 -17.21 -27.95
C PHE A 513 -12.20 -16.11 -27.29
N ASP A 514 -12.85 -14.98 -27.05
CA ASP A 514 -12.28 -13.79 -26.42
C ASP A 514 -12.81 -13.67 -24.98
N VAL A 515 -11.96 -13.28 -24.05
CA VAL A 515 -12.37 -13.18 -22.65
C VAL A 515 -12.06 -11.83 -22.10
N ASP A 516 -13.01 -11.33 -21.29
CA ASP A 516 -12.95 -10.04 -20.66
C ASP A 516 -12.42 -10.11 -19.22
N MET A 517 -11.09 -10.16 -19.15
CA MET A 517 -10.38 -10.21 -17.89
C MET A 517 -10.28 -8.86 -17.19
N ILE A 518 -10.36 -8.86 -15.86
CA ILE A 518 -10.28 -7.62 -15.09
C ILE A 518 -8.81 -7.19 -14.95
N TYR A 519 -8.49 -6.00 -15.47
CA TYR A 519 -7.14 -5.43 -15.40
C TYR A 519 -7.22 -4.08 -14.70
N LEU A 520 -7.29 -4.10 -13.36
CA LEU A 520 -7.43 -2.89 -12.55
C LEU A 520 -6.25 -1.94 -12.47
N ARG A 521 -5.07 -2.38 -12.99
CA ARG A 521 -3.87 -1.55 -13.09
C ARG A 521 -4.01 -0.40 -14.11
N ARG A 522 -5.26 -0.16 -14.63
CA ARG A 522 -5.63 0.85 -15.64
C ARG A 522 -5.85 2.28 -15.14
N GLN A 523 -6.39 2.50 -13.92
CA GLN A 523 -6.60 3.85 -13.37
C GLN A 523 -5.26 4.58 -13.31
N TYR A 524 -4.25 3.89 -12.81
CA TYR A 524 -2.85 4.29 -12.71
C TYR A 524 -2.22 3.77 -14.02
N MET A 525 -0.96 4.09 -14.35
CA MET A 525 -0.31 3.61 -15.59
C MET A 525 -0.99 3.95 -16.97
N LYS A 526 -2.29 4.36 -16.95
CA LYS A 526 -3.24 4.75 -18.03
C LYS A 526 -2.70 5.09 -19.43
N ASN A 527 -1.59 5.84 -19.52
CA ASN A 527 -0.99 6.22 -20.80
C ASN A 527 -0.37 5.00 -21.50
N GLU A 528 0.25 4.12 -20.70
CA GLU A 528 0.94 2.93 -21.19
C GLU A 528 -0.04 1.80 -21.54
N LEU A 529 -1.17 1.74 -20.81
CA LEU A 529 -2.17 0.70 -20.97
C LEU A 529 -3.22 0.93 -22.04
N LYS A 530 -3.72 2.18 -22.14
CA LYS A 530 -4.73 2.70 -23.07
C LYS A 530 -4.95 1.86 -24.35
N SER A 531 -3.85 1.56 -25.04
CA SER A 531 -3.75 0.79 -26.28
C SER A 531 -4.29 -0.64 -26.21
N PHE A 532 -4.06 -1.34 -25.05
CA PHE A 532 -4.37 -2.74 -24.80
C PHE A 532 -5.48 -2.99 -23.80
N VAL A 533 -5.72 -2.04 -22.91
CA VAL A 533 -6.74 -2.22 -21.87
C VAL A 533 -7.71 -1.09 -21.94
N GLU A 534 -8.98 -1.43 -22.05
CA GLU A 534 -10.01 -0.41 -22.12
C GLU A 534 -10.72 -0.45 -20.82
N SER A 535 -11.27 0.68 -20.40
CA SER A 535 -12.06 0.70 -19.18
C SER A 535 -13.46 0.34 -19.60
N THR A 536 -14.12 -0.50 -18.83
CA THR A 536 -15.50 -0.81 -19.10
C THR A 536 -16.35 0.15 -18.24
N CYS A 537 -17.64 -0.09 -18.23
CA CYS A 537 -18.57 0.67 -17.44
C CYS A 537 -18.38 0.24 -15.98
N LEU A 538 -18.47 -1.09 -15.73
CA LEU A 538 -18.36 -1.77 -14.43
C LEU A 538 -16.98 -1.70 -13.78
N PHE A 539 -15.90 -1.73 -14.59
CA PHE A 539 -14.51 -1.73 -14.12
C PHE A 539 -13.71 -0.63 -14.77
N LYS A 540 -12.75 -0.08 -14.02
CA LYS A 540 -11.85 0.97 -14.52
C LYS A 540 -10.76 0.33 -15.43
N GLY A 541 -10.94 -0.92 -15.80
CA GLY A 541 -10.04 -1.67 -16.67
C GLY A 541 -10.56 -3.05 -16.97
N MET A 542 -10.52 -3.40 -18.29
CA MET A 542 -10.92 -4.68 -18.89
C MET A 542 -9.91 -5.12 -19.96
N ARG A 543 -9.45 -6.36 -19.90
CA ARG A 543 -8.49 -6.79 -20.90
C ARG A 543 -9.08 -7.91 -21.73
N ASN A 544 -9.33 -7.62 -23.03
CA ASN A 544 -9.90 -8.59 -23.94
C ASN A 544 -8.79 -9.48 -24.45
N GLN A 545 -8.90 -10.78 -24.13
CA GLN A 545 -7.94 -11.81 -24.45
C GLN A 545 -8.54 -12.78 -25.45
N GLU A 546 -7.97 -12.81 -26.66
CA GLU A 546 -8.40 -13.76 -27.68
C GLU A 546 -7.51 -14.99 -27.57
N TRP A 547 -8.20 -16.11 -27.28
CA TRP A 547 -7.66 -17.43 -27.02
C TRP A 547 -8.01 -18.37 -28.12
N THR A 548 -7.06 -19.29 -28.38
CA THR A 548 -7.26 -20.43 -29.27
C THR A 548 -6.90 -21.69 -28.50
N CYS A 549 -7.93 -22.40 -28.07
CA CYS A 549 -7.76 -23.64 -27.31
C CYS A 549 -7.87 -24.85 -28.21
N GLN A 550 -6.85 -25.72 -28.15
CA GLN A 550 -6.83 -26.91 -28.97
C GLN A 550 -6.16 -28.09 -28.28
N ILE A 551 -6.69 -29.31 -28.54
CA ILE A 551 -6.11 -30.53 -28.01
C ILE A 551 -4.97 -30.98 -28.92
N LEU A 552 -3.74 -30.89 -28.40
CA LEU A 552 -2.52 -31.30 -29.08
C LEU A 552 -1.88 -32.37 -28.22
N LYS A 553 -1.80 -33.59 -28.78
CA LYS A 553 -1.34 -34.82 -28.11
C LYS A 553 -2.40 -35.19 -27.06
N ASN A 554 -2.09 -35.06 -25.77
CA ASN A 554 -3.04 -35.39 -24.68
C ASN A 554 -3.24 -34.17 -23.76
N LEU A 555 -2.67 -33.03 -24.15
CA LEU A 555 -2.67 -31.77 -23.43
C LEU A 555 -3.36 -30.68 -24.23
N ASP A 556 -4.43 -30.06 -23.68
CA ASP A 556 -5.11 -28.97 -24.36
C ASP A 556 -4.61 -27.65 -23.92
N VAL A 557 -3.78 -27.08 -24.78
CA VAL A 557 -3.08 -25.82 -24.63
C VAL A 557 -3.92 -24.67 -25.18
N CYS A 558 -3.81 -23.51 -24.55
CA CYS A 558 -4.49 -22.34 -25.01
C CYS A 558 -3.45 -21.27 -25.31
N LYS A 559 -3.53 -20.69 -26.52
CA LYS A 559 -2.59 -19.66 -26.95
C LYS A 559 -3.29 -18.33 -26.91
N LEU A 560 -2.57 -17.32 -26.44
CA LEU A 560 -3.07 -15.96 -26.37
C LEU A 560 -2.69 -15.30 -27.69
N ASN A 561 -3.71 -15.09 -28.54
CA ASN A 561 -3.55 -14.51 -29.86
C ASN A 561 -2.95 -13.11 -29.80
N ASN A 562 -3.62 -12.21 -29.04
CA ASN A 562 -3.25 -10.81 -28.81
C ASN A 562 -2.24 -10.67 -27.66
N PHE A 563 -1.27 -11.59 -27.57
CA PHE A 563 -0.30 -11.59 -26.48
C PHE A 563 0.66 -10.40 -26.48
N ASN A 564 0.79 -9.77 -25.31
CA ASN A 564 1.71 -8.66 -25.06
C ASN A 564 2.44 -8.95 -23.76
N LYS A 565 3.76 -9.22 -23.82
CA LYS A 565 4.61 -9.57 -22.65
C LYS A 565 4.48 -8.57 -21.50
N VAL A 566 4.48 -7.28 -21.87
CA VAL A 566 4.36 -6.10 -21.01
C VAL A 566 3.14 -6.21 -20.09
N ILE A 567 1.97 -6.57 -20.66
CA ILE A 567 0.72 -6.62 -19.90
C ILE A 567 0.15 -7.99 -19.55
N ASP A 568 0.41 -9.01 -20.39
CA ASP A 568 -0.06 -10.39 -20.19
C ASP A 568 1.11 -11.21 -19.67
N ILE A 569 0.84 -12.10 -18.70
CA ILE A 569 1.87 -12.90 -18.04
C ILE A 569 2.50 -13.98 -18.93
N ASP A 570 1.63 -14.88 -19.47
CA ASP A 570 2.02 -16.06 -20.25
C ASP A 570 1.36 -16.12 -21.62
N LYS A 571 2.13 -16.58 -22.62
CA LYS A 571 1.64 -16.72 -24.00
C LYS A 571 0.81 -18.00 -24.16
N HIS A 572 1.27 -19.11 -23.53
CA HIS A 572 0.60 -20.41 -23.54
C HIS A 572 0.26 -20.88 -22.13
N ILE A 573 -1.00 -21.34 -21.95
CA ILE A 573 -1.53 -21.89 -20.70
C ILE A 573 -2.29 -23.20 -21.00
N THR A 574 -2.68 -23.99 -19.99
CA THR A 574 -3.44 -25.21 -20.24
C THR A 574 -4.92 -24.81 -20.20
N PHE A 575 -5.83 -25.66 -20.70
CA PHE A 575 -7.22 -25.26 -20.61
C PHE A 575 -7.68 -25.19 -19.13
N LYS A 576 -7.15 -26.11 -18.27
CA LYS A 576 -7.44 -26.20 -16.83
C LYS A 576 -7.07 -24.89 -16.14
N VAL A 577 -5.90 -24.33 -16.51
CA VAL A 577 -5.40 -23.06 -15.96
C VAL A 577 -6.36 -21.92 -16.36
N LEU A 578 -6.84 -21.96 -17.61
CA LEU A 578 -7.73 -20.96 -18.17
C LEU A 578 -9.10 -20.96 -17.52
N LEU A 579 -9.66 -22.14 -17.35
CA LEU A 579 -10.96 -22.29 -16.75
C LEU A 579 -10.97 -21.61 -15.40
N GLU A 580 -10.00 -21.96 -14.55
CA GLU A 580 -9.86 -21.47 -13.21
C GLU A 580 -9.60 -19.98 -13.13
N ARG A 581 -8.89 -19.42 -14.13
CA ARG A 581 -8.65 -17.99 -14.23
C ARG A 581 -9.98 -17.31 -14.46
N TRP A 582 -10.76 -17.83 -15.42
CA TRP A 582 -12.07 -17.35 -15.80
C TRP A 582 -13.03 -17.39 -14.60
N LEU A 583 -12.98 -18.50 -13.85
CA LEU A 583 -13.80 -18.78 -12.68
C LEU A 583 -13.50 -17.82 -11.52
N LYS A 584 -12.23 -17.46 -11.35
CA LYS A 584 -11.77 -16.50 -10.34
C LYS A 584 -12.36 -15.13 -10.69
N ASP A 585 -12.17 -14.74 -11.99
CA ASP A 585 -12.63 -13.51 -12.62
C ASP A 585 -14.14 -13.39 -12.54
N PHE A 586 -14.89 -14.46 -12.87
CA PHE A 586 -16.35 -14.46 -12.84
C PHE A 586 -16.90 -14.06 -11.48
N LEU A 587 -16.41 -14.71 -10.40
CA LEU A 587 -16.82 -14.46 -9.03
C LEU A 587 -16.60 -13.02 -8.65
N GLU A 588 -15.39 -12.50 -8.95
CA GLU A 588 -15.01 -11.12 -8.70
C GLU A 588 -16.03 -10.18 -9.34
N GLY A 589 -16.20 -10.29 -10.65
CA GLY A 589 -17.15 -9.54 -11.46
C GLY A 589 -18.58 -9.70 -11.01
N TYR A 590 -18.97 -10.93 -10.61
CA TYR A 590 -20.31 -11.18 -10.10
C TYR A 590 -20.52 -10.35 -8.81
N LYS A 591 -19.50 -10.31 -7.92
CA LYS A 591 -19.52 -9.57 -6.66
C LYS A 591 -19.75 -8.08 -6.94
N LYS A 592 -18.88 -7.49 -7.78
CA LYS A 592 -18.93 -6.08 -8.23
C LYS A 592 -20.29 -5.68 -8.79
N SER A 593 -20.94 -6.61 -9.54
CA SER A 593 -22.25 -6.45 -10.16
C SER A 593 -23.30 -6.39 -9.08
N LYS A 594 -23.34 -7.41 -8.21
CA LYS A 594 -24.28 -7.48 -7.09
C LYS A 594 -24.19 -6.24 -6.21
N ARG A 595 -22.99 -5.65 -6.13
CA ARG A 595 -22.70 -4.44 -5.37
C ARG A 595 -23.37 -3.24 -6.05
N LYS A 596 -23.06 -3.00 -7.35
CA LYS A 596 -23.58 -1.87 -8.14
C LYS A 596 -25.08 -1.89 -8.35
N ILE A 597 -25.69 -3.07 -8.33
CA ILE A 597 -27.13 -3.24 -8.51
C ILE A 597 -27.91 -3.16 -7.16
N ASN A 598 -27.23 -3.41 -6.01
CA ASN A 598 -27.83 -3.43 -4.66
C ASN A 598 -28.86 -2.33 -4.27
N PRO A 599 -28.60 -1.01 -4.43
CA PRO A 599 -29.63 -0.01 -4.06
C PRO A 599 -30.96 -0.14 -4.81
N CYS A 600 -30.90 -0.60 -6.10
CA CYS A 600 -32.05 -0.82 -6.98
C CYS A 600 -32.82 -2.10 -6.60
N THR A 601 -32.08 -3.17 -6.24
CA THR A 601 -32.64 -4.48 -5.84
C THR A 601 -33.42 -4.42 -4.53
N LYS A 602 -33.06 -3.45 -3.62
CA LYS A 602 -33.70 -3.23 -2.31
C LYS A 602 -35.23 -3.22 -2.46
N ASP A 603 -35.87 -4.33 -2.00
CA ASP A 603 -37.30 -4.66 -2.04
C ASP A 603 -38.28 -3.47 -2.14
N LYS A 604 -38.06 -2.43 -1.31
CA LYS A 604 -38.86 -1.21 -1.23
C LYS A 604 -39.01 -0.56 -2.62
N ASN A 605 -40.27 -0.39 -3.07
CA ASN A 605 -40.63 0.19 -4.36
C ASN A 605 -40.24 1.68 -4.46
N SER A 606 -38.91 1.96 -4.45
CA SER A 606 -38.31 3.31 -4.49
C SER A 606 -37.77 3.63 -5.88
N CYS A 607 -38.39 4.61 -6.55
CA CYS A 607 -38.01 5.03 -7.90
C CYS A 607 -36.75 5.89 -7.89
N ILE A 608 -35.74 5.47 -8.67
CA ILE A 608 -34.42 6.12 -8.82
C ILE A 608 -34.05 6.12 -10.31
N LYS A 609 -33.73 7.31 -10.87
CA LYS A 609 -33.38 7.50 -12.28
C LYS A 609 -32.02 6.91 -12.68
N LEU A 610 -30.99 7.12 -11.83
CA LEU A 610 -29.61 6.64 -12.00
C LEU A 610 -29.49 5.12 -11.98
N CYS A 611 -30.52 4.43 -11.45
CA CYS A 611 -30.61 2.97 -11.34
C CYS A 611 -30.72 2.26 -12.68
N ILE A 612 -31.30 2.94 -13.68
CA ILE A 612 -31.47 2.40 -15.02
C ILE A 612 -30.12 2.17 -15.71
N ASN A 613 -29.19 3.13 -15.58
CA ASN A 613 -27.84 3.04 -16.15
C ASN A 613 -26.98 2.01 -15.44
N LYS A 614 -27.37 1.65 -14.22
CA LYS A 614 -26.67 0.65 -13.39
C LYS A 614 -26.95 -0.75 -13.92
N CYS A 615 -28.24 -1.14 -14.00
CA CYS A 615 -28.68 -2.45 -14.47
C CYS A 615 -28.31 -2.76 -15.90
N THR A 616 -28.19 -1.71 -16.73
CA THR A 616 -27.78 -1.78 -18.13
C THR A 616 -26.32 -2.18 -18.17
N CYS A 617 -25.54 -1.63 -17.24
CA CYS A 617 -24.11 -1.86 -17.10
C CYS A 617 -23.84 -3.30 -16.73
N VAL A 618 -24.64 -3.82 -15.77
CA VAL A 618 -24.57 -5.19 -15.26
C VAL A 618 -24.88 -6.12 -16.43
N GLU A 619 -26.02 -5.90 -17.14
CA GLU A 619 -26.48 -6.65 -18.33
C GLU A 619 -25.40 -6.69 -19.41
N GLU A 620 -24.66 -5.61 -19.58
CA GLU A 620 -23.53 -5.51 -20.50
C GLU A 620 -22.50 -6.61 -20.14
N TRP A 621 -22.07 -6.69 -18.86
CA TRP A 621 -21.09 -7.65 -18.38
C TRP A 621 -21.67 -9.05 -18.33
N LEU A 622 -22.90 -9.18 -17.77
CA LEU A 622 -23.65 -10.44 -17.61
C LEU A 622 -23.69 -11.21 -18.93
N ASN A 623 -24.17 -10.54 -20.01
CA ASN A 623 -24.35 -11.07 -21.35
C ASN A 623 -23.06 -11.51 -21.96
N LYS A 624 -22.00 -10.70 -21.76
CA LYS A 624 -20.66 -11.00 -22.28
C LYS A 624 -20.16 -12.32 -21.76
N LYS A 625 -20.30 -12.53 -20.46
CA LYS A 625 -19.87 -13.73 -19.75
C LYS A 625 -20.69 -14.94 -20.17
N GLU A 626 -21.99 -14.74 -20.40
CA GLU A 626 -22.91 -15.80 -20.81
C GLU A 626 -22.42 -16.31 -22.17
N LYS A 627 -22.06 -15.38 -23.07
CA LYS A 627 -21.51 -15.68 -24.39
C LYS A 627 -20.11 -16.33 -24.23
N GLU A 628 -19.32 -15.83 -23.25
CA GLU A 628 -17.97 -16.29 -22.97
C GLU A 628 -17.91 -17.74 -22.55
N TRP A 629 -18.76 -18.09 -21.60
CA TRP A 629 -18.82 -19.41 -21.04
C TRP A 629 -19.33 -20.45 -22.01
N GLY A 630 -20.26 -20.07 -22.89
CA GLY A 630 -20.79 -20.94 -23.92
C GLY A 630 -19.67 -21.59 -24.71
N GLN A 631 -18.69 -20.77 -25.08
CA GLN A 631 -17.48 -21.13 -25.80
C GLN A 631 -16.55 -21.96 -24.95
N ILE A 632 -16.43 -21.63 -23.65
CA ILE A 632 -15.55 -22.39 -22.73
C ILE A 632 -16.08 -23.83 -22.48
N LYS A 633 -17.43 -24.02 -22.39
CA LYS A 633 -18.11 -25.32 -22.26
C LYS A 633 -17.95 -26.04 -23.61
N LYS A 634 -18.09 -25.30 -24.72
CA LYS A 634 -17.85 -25.82 -26.07
C LYS A 634 -16.46 -26.50 -26.10
N HIS A 635 -15.41 -25.89 -25.48
CA HIS A 635 -14.09 -26.53 -25.42
C HIS A 635 -14.02 -27.65 -24.39
N PHE A 636 -14.68 -27.47 -23.23
CA PHE A 636 -14.67 -28.50 -22.20
C PHE A 636 -15.17 -29.81 -22.77
N ASN A 637 -16.30 -29.76 -23.50
CA ASN A 637 -16.98 -30.90 -24.09
C ASN A 637 -16.29 -31.59 -25.26
N LYS A 638 -15.16 -31.03 -25.73
CA LYS A 638 -14.34 -31.65 -26.80
C LYS A 638 -13.55 -32.84 -26.26
N GLN A 639 -13.53 -33.00 -24.92
CA GLN A 639 -12.88 -34.08 -24.19
C GLN A 639 -13.86 -34.78 -23.26
N PHE A 640 -13.70 -36.11 -23.09
CA PHE A 640 -14.47 -36.89 -22.12
C PHE A 640 -13.61 -37.17 -20.89
N HIS A 641 -14.16 -36.85 -19.71
CA HIS A 641 -13.46 -37.02 -18.43
C HIS A 641 -14.06 -38.15 -17.57
N GLY A 642 -15.08 -38.83 -18.08
CA GLY A 642 -15.79 -39.88 -17.38
C GLY A 642 -17.10 -39.40 -16.79
N GLU A 643 -18.12 -40.23 -16.87
CA GLU A 643 -19.48 -39.99 -16.39
C GLU A 643 -19.52 -39.34 -14.99
N GLY A 644 -20.11 -38.14 -14.89
CA GLY A 644 -20.21 -37.40 -13.63
C GLY A 644 -19.03 -36.47 -13.41
N TYR A 645 -18.01 -36.58 -14.27
CA TYR A 645 -16.83 -35.71 -14.29
C TYR A 645 -17.05 -34.80 -15.49
N ASP A 646 -18.14 -34.02 -15.36
CA ASP A 646 -18.67 -33.04 -16.30
C ASP A 646 -18.38 -31.62 -15.76
N ILE A 647 -18.65 -30.59 -16.57
CA ILE A 647 -18.36 -29.21 -16.17
C ILE A 647 -19.17 -28.74 -14.95
N ALA A 648 -20.41 -29.22 -14.77
CA ALA A 648 -21.22 -28.83 -13.62
C ALA A 648 -20.50 -29.20 -12.29
N PHE A 649 -19.85 -30.39 -12.29
CA PHE A 649 -19.05 -30.94 -11.19
C PHE A 649 -17.70 -30.22 -11.06
N LYS A 650 -17.09 -29.78 -12.20
CA LYS A 650 -15.81 -29.05 -12.18
C LYS A 650 -16.01 -27.71 -11.50
N VAL A 651 -17.16 -27.10 -11.75
CA VAL A 651 -17.58 -25.81 -11.20
C VAL A 651 -17.79 -25.95 -9.69
N LYS A 652 -18.42 -27.06 -9.22
CA LYS A 652 -18.62 -27.34 -7.80
C LYS A 652 -17.28 -27.51 -7.13
N SER A 653 -16.45 -28.46 -7.64
CA SER A 653 -15.07 -28.72 -7.19
C SER A 653 -14.28 -27.41 -6.96
N TYR A 654 -14.22 -26.52 -7.98
CA TYR A 654 -13.58 -25.21 -7.85
C TYR A 654 -14.21 -24.36 -6.72
N PHE A 655 -15.56 -24.26 -6.69
CA PHE A 655 -16.30 -23.47 -5.70
C PHE A 655 -16.17 -23.97 -4.29
N GLU A 656 -16.00 -25.30 -4.15
CA GLU A 656 -15.76 -25.94 -2.84
C GLU A 656 -14.35 -25.56 -2.39
N ASP A 657 -13.33 -25.94 -3.19
CA ASP A 657 -11.92 -25.66 -2.97
C ASP A 657 -11.56 -24.15 -2.83
N ASN A 658 -12.53 -23.25 -3.08
CA ASN A 658 -12.34 -21.79 -2.98
C ASN A 658 -13.42 -21.10 -2.15
N GLU A 659 -14.00 -21.84 -1.17
CA GLU A 659 -15.09 -21.43 -0.27
C GLU A 659 -14.99 -20.06 0.38
N ALA A 660 -13.77 -19.53 0.58
CA ALA A 660 -13.54 -18.22 1.17
C ALA A 660 -14.02 -17.12 0.23
N ASP A 661 -13.42 -17.08 -0.99
CA ASP A 661 -13.71 -16.14 -2.06
C ASP A 661 -15.21 -16.25 -2.41
N VAL A 662 -15.69 -17.49 -2.63
CA VAL A 662 -17.07 -17.82 -3.02
C VAL A 662 -18.09 -17.25 -2.02
N ARG A 663 -17.81 -17.32 -0.71
CA ARG A 663 -18.72 -16.82 0.29
C ARG A 663 -18.81 -15.29 0.33
N LYS A 664 -17.69 -14.62 0.00
CA LYS A 664 -17.60 -13.15 -0.08
C LYS A 664 -18.40 -12.58 -1.27
N SER A 665 -18.47 -13.35 -2.38
CA SER A 665 -19.16 -12.98 -3.63
C SER A 665 -20.66 -13.34 -3.64
N ILE A 666 -20.98 -14.62 -3.41
CA ILE A 666 -22.34 -15.17 -3.46
C ILE A 666 -23.11 -14.92 -2.15
N ASP A 667 -24.44 -14.69 -2.26
CA ASP A 667 -25.35 -14.47 -1.13
C ASP A 667 -25.59 -15.72 -0.27
N ASN A 668 -26.00 -16.85 -0.90
CA ASN A 668 -26.26 -18.13 -0.24
C ASN A 668 -25.68 -19.25 -1.10
N PHE A 669 -24.37 -19.49 -0.99
CA PHE A 669 -23.67 -20.52 -1.77
C PHE A 669 -24.19 -21.91 -1.49
N HIS A 670 -24.46 -22.21 -0.22
CA HIS A 670 -24.93 -23.47 0.32
C HIS A 670 -26.23 -23.95 -0.34
N VAL A 671 -27.19 -23.02 -0.57
CA VAL A 671 -28.47 -23.33 -1.23
C VAL A 671 -28.28 -23.54 -2.75
N LEU A 672 -27.27 -22.85 -3.33
CA LEU A 672 -26.86 -22.89 -4.75
C LEU A 672 -26.08 -24.16 -5.04
N LYS A 673 -25.11 -24.48 -4.15
CA LYS A 673 -24.24 -25.65 -4.21
C LYS A 673 -25.08 -26.92 -4.35
N ASN A 674 -26.19 -26.98 -3.58
CA ASN A 674 -27.15 -28.09 -3.59
C ASN A 674 -28.46 -27.63 -4.21
N LYS A 675 -28.39 -27.26 -5.49
CA LYS A 675 -29.50 -26.83 -6.32
C LYS A 675 -29.45 -27.68 -7.58
N GLU A 676 -30.49 -28.49 -7.79
CA GLU A 676 -30.59 -29.36 -8.96
C GLU A 676 -31.63 -28.84 -9.94
N GLU A 677 -31.15 -28.19 -10.99
CA GLU A 677 -31.94 -27.62 -12.07
C GLU A 677 -31.39 -28.23 -13.35
N TYR A 678 -32.24 -28.87 -14.15
CA TYR A 678 -31.84 -29.55 -15.38
C TYR A 678 -32.33 -28.77 -16.59
N GLU A 679 -31.46 -28.66 -17.62
CA GLU A 679 -31.76 -27.94 -18.86
C GLU A 679 -31.62 -28.83 -20.10
N ILE A 680 -32.08 -28.33 -21.27
CA ILE A 680 -32.03 -29.02 -22.56
C ILE A 680 -30.62 -29.55 -22.85
N CYS A 681 -30.52 -30.84 -23.23
CA CYS A 681 -29.22 -31.42 -23.54
C CYS A 681 -28.81 -30.93 -24.94
N ASN A 682 -27.77 -30.10 -24.97
CA ASN A 682 -27.24 -29.43 -26.16
C ASN A 682 -26.40 -30.33 -27.07
N VAL A 683 -25.74 -29.71 -28.08
CA VAL A 683 -24.83 -30.32 -29.07
C VAL A 683 -23.60 -30.94 -28.39
N ASP A 684 -23.40 -30.59 -27.11
CA ASP A 684 -22.33 -31.04 -26.20
C ASP A 684 -22.22 -32.57 -26.24
N ASP A 685 -21.16 -33.05 -26.93
CA ASP A 685 -20.84 -34.46 -27.14
C ASP A 685 -20.85 -35.29 -25.84
N ASN A 686 -20.44 -34.65 -24.72
CA ASN A 686 -20.41 -35.21 -23.37
C ASN A 686 -21.78 -35.78 -22.95
N CYS A 687 -22.90 -35.10 -23.32
CA CYS A 687 -24.26 -35.56 -23.01
C CYS A 687 -24.57 -36.88 -23.72
N ARG A 688 -24.32 -37.99 -22.98
CA ARG A 688 -24.53 -39.37 -23.41
C ARG A 688 -25.80 -39.94 -22.76
N SER A 689 -26.50 -39.10 -21.96
CA SER A 689 -27.74 -39.41 -21.24
C SER A 689 -28.87 -39.71 -22.20
N GLN A 690 -29.47 -40.92 -22.07
CA GLN A 690 -30.57 -41.44 -22.90
C GLN A 690 -31.79 -40.51 -22.89
N ASN A 691 -31.77 -39.52 -23.81
CA ASN A 691 -32.78 -38.48 -24.01
C ASN A 691 -32.99 -37.56 -22.79
N ASN A 692 -32.22 -37.81 -21.70
CA ASN A 692 -32.30 -37.07 -20.45
C ASN A 692 -31.70 -35.66 -20.59
N LYS A 693 -32.13 -34.74 -19.72
CA LYS A 693 -31.68 -33.36 -19.74
C LYS A 693 -30.54 -33.16 -18.72
N LYS A 694 -29.38 -32.62 -19.19
CA LYS A 694 -28.23 -32.37 -18.32
C LYS A 694 -28.53 -31.26 -17.31
N LYS A 695 -27.84 -31.31 -16.17
CA LYS A 695 -27.97 -30.36 -15.06
C LYS A 695 -27.22 -29.03 -15.30
N LYS A 696 -27.88 -27.92 -14.94
CA LYS A 696 -27.36 -26.55 -15.04
C LYS A 696 -26.20 -26.37 -14.06
N ASP A 697 -25.10 -25.75 -14.54
CA ASP A 697 -23.91 -25.46 -13.76
C ASP A 697 -24.16 -24.24 -12.87
N ILE A 698 -23.26 -24.02 -11.88
CA ILE A 698 -23.36 -22.88 -10.96
C ILE A 698 -23.26 -21.55 -11.69
N VAL A 699 -22.37 -21.48 -12.71
CA VAL A 699 -22.17 -20.28 -13.53
C VAL A 699 -23.51 -19.91 -14.21
N THR A 700 -24.08 -20.83 -15.02
CA THR A 700 -25.38 -20.60 -15.67
C THR A 700 -26.49 -20.22 -14.67
N ILE A 701 -26.65 -20.95 -13.55
CA ILE A 701 -27.68 -20.57 -12.58
C ILE A 701 -27.43 -19.17 -12.00
N LEU A 702 -26.15 -18.84 -11.66
CA LEU A 702 -25.78 -17.52 -11.16
C LEU A 702 -26.12 -16.37 -12.14
N LEU A 703 -25.92 -16.62 -13.46
CA LEU A 703 -26.19 -15.63 -14.51
C LEU A 703 -27.67 -15.44 -14.67
N LYS A 704 -28.37 -16.56 -14.92
CA LYS A 704 -29.83 -16.63 -15.12
C LYS A 704 -30.58 -16.10 -13.91
N GLU A 705 -29.96 -16.20 -12.70
CA GLU A 705 -30.56 -15.64 -11.50
C GLU A 705 -30.38 -14.13 -11.51
N LEU A 706 -29.12 -13.64 -11.70
CA LEU A 706 -28.77 -12.21 -11.79
C LEU A 706 -29.64 -11.48 -12.83
N LYS A 707 -29.93 -12.15 -13.99
CA LYS A 707 -30.77 -11.66 -15.09
C LYS A 707 -32.12 -11.22 -14.57
N ASP A 708 -32.84 -12.10 -13.84
CA ASP A 708 -34.15 -11.83 -13.24
C ASP A 708 -34.11 -10.58 -12.38
N LYS A 709 -32.97 -10.35 -11.69
CA LYS A 709 -32.75 -9.18 -10.84
C LYS A 709 -32.65 -7.89 -11.69
N ILE A 710 -32.03 -7.97 -12.90
CA ILE A 710 -31.94 -6.83 -13.82
C ILE A 710 -33.33 -6.52 -14.38
N VAL A 711 -34.04 -7.57 -14.85
CA VAL A 711 -35.40 -7.49 -15.41
C VAL A 711 -36.35 -6.83 -14.40
N SER A 712 -36.17 -7.10 -13.09
CA SER A 712 -36.98 -6.48 -12.05
C SER A 712 -36.64 -4.98 -11.98
N CYS A 713 -35.35 -4.62 -11.72
CA CYS A 713 -34.85 -3.25 -11.67
C CYS A 713 -35.25 -2.41 -12.89
N LYS A 714 -35.02 -2.97 -14.10
CA LYS A 714 -35.35 -2.35 -15.39
C LYS A 714 -36.80 -1.85 -15.42
N ASN A 715 -37.73 -2.67 -14.87
CA ASN A 715 -39.15 -2.35 -14.81
C ASN A 715 -39.58 -1.65 -13.51
N GLN A 716 -38.65 -1.50 -12.55
CA GLN A 716 -38.90 -0.82 -11.27
C GLN A 716 -38.45 0.64 -11.25
N HIS A 717 -37.77 1.07 -12.33
CA HIS A 717 -37.29 2.44 -12.51
C HIS A 717 -37.73 3.01 -13.87
N LYS A 718 -38.60 2.26 -14.59
CA LYS A 718 -39.16 2.61 -15.90
C LYS A 718 -40.19 3.74 -15.78
N ALA A 719 -40.24 4.63 -16.80
CA ALA A 719 -41.15 5.77 -16.88
C ALA A 719 -42.63 5.36 -17.01
MG MG B . -9.91 16.14 4.04
MG MG C . -14.33 2.98 -22.00
S SO4 D . -16.58 1.63 -10.40
O1 SO4 D . -15.76 1.64 -11.63
O2 SO4 D . -17.96 1.30 -10.74
O3 SO4 D . -16.03 0.65 -9.45
O4 SO4 D . -16.55 2.95 -9.78
S SO4 E . 1.60 40.92 8.35
O1 SO4 E . 2.24 41.83 7.40
O2 SO4 E . 0.17 41.26 8.47
O3 SO4 E . 1.74 39.52 7.88
O4 SO4 E . 2.24 41.05 9.64
#